data_7N62
#
_entry.id   7N62
#
_cell.length_a   1.00
_cell.length_b   1.00
_cell.length_c   1.00
_cell.angle_alpha   90.00
_cell.angle_beta   90.00
_cell.angle_gamma   90.00
#
_symmetry.space_group_name_H-M   'P 1'
#
loop_
_entity.id
_entity.type
_entity.pdbx_description
1 polymer 'Spike glycoprotein'
2 polymer 'C12C9 Fab heavy chain'
3 polymer 'C12C9 Fab light chain'
4 non-polymer 2-acetamido-2-deoxy-beta-D-glucopyranose
#
loop_
_entity_poly.entity_id
_entity_poly.type
_entity_poly.pdbx_seq_one_letter_code
_entity_poly.pdbx_strand_id
1 'polypeptide(L)'
;MFVFLVLLPLVSSQCVNLTTRTQLPPAYTNSFTRGVYYPDKVFRSSVLHSTQDLFLPFFSNVTWFHAIHVSGTNGTKRFD
NPVLPFNDGVYFASTEKSNIIRGWIFGTTLDSKTQSLLIVNNATNVVIKVCEFQFCNDPFLGVYYHKNNKSWMESEFRVY
SSANNCTFEYVSQPFLMDLEGKQGNFKNLREFVFKNIDGYFKIYSKHTPINLVRDLPQGFSALEPLVDLPIGINITRFQT
LLALHRSYLTPGDSSSGWTAGAAAYYVGYLQPRTFLLKYNENGTITDAVDCALDPLSETKCTLKSFTVEKGIYQTSNFRV
QPTESIVRFPNITNLCPFGEVFNATRFASVYAWNRKRISNCVADYSVLYNSASFSTFKCYGVSPTKLNDLCFTNVYADSF
VIRGDEVRQIAPGQTGKIADYNYKLPDDFTGCVIAWNSNNLDSKVGGNYNYLYRLFRKSNLKPFERDISTEIYQAGSTPC
NGVEGFNCYFPLQSYGFQPTNGVGYQPYRVVVLSFELLHAPATVCGPKKSTNLVKNKCVNFNFNGLTGTGVLTESNKKFL
PFQQFGRDIADTTDAVRDPQTLEILDITPCSFGGVSVITPGTNTSNQVAVLYQDVNCTEVPVAIHADQLTPTWRVYSTGS
NVFQTRAGCLIGAEHVNNSYECDIPIGAGICASYQTQTNSPRRARSVASQSIIAYTMSLGAENSVAYSNNSIAIPTNFTI
SVTTEILPVSMTKTSVDCTMYICGDSTECSNLLLQYGSFCTQLNRALTGIAVEQDKNTQEVFAQVKQIYKTPPIKDFGGF
NFSQILPDPSKPSKRSFIEDLLFNKVTLADAGFIKQYGDCLGDIAARDLICAQKFNGLTVLPPLLTDEMIAQYTSALLAG
TITSGWTFGAGAALQIPFAMQMAYRFNGIGVTQNVLYENQKLIANQFNSAIGKIQDSLSSTASALGKLQDVVNQNAQALN
TLVKQLSSNFGAISSVLNDILSRLDKVEAEVQIDRLITGRLQSLQTYVTQQLIRAAEIRASANLAATKMSECVLGQSKRV
DFCGKGYHLMSFPQSAPHGVVFLHVTYVPAQEKNFTTAPAICHDGKAHFPREGVFVSNGTHWFVTQRNFYEPQIITTDNT
FVSGNCDVVIGIVNNTVYDPLQPELDSFKEELDKYFKNHTSPDVDLGDISGINASVVNIQKEIDRLNEVAKNLNESLIDL
QELGKYEQYIKWPWYIWLGFIAGLIAIVMVTIMLCCMTSCCSCLKGCCSCGSCCKFDEDDSEPVLKGVKLHYT
;
A
2 'polypeptide(L)'
;QVQLVESGGGVVQPGRSLRLSCAASGFTFSSFGMHWVRQAPGKGLEWVAVISFDGSNKYYADSVKGRFTISRDNSKNTLY
LHMNSLRAEDTAVYYCAKDQDDGYYYYYYMDVWGKGTTVTVSGASTKGPSVFPLAPSSKSTSGGTAALGCLVKDYFPEPV
TVSWNSGALTSGVHTFPAVLQSSGLYSLSSVVTVPSSSLGTQTYICNVNHKPSNTKVDKRVEPKSCDK
;
H
3 'polypeptide(L)'
;EIVLTQSPGTLSLSPGERATLSCRASQSVSSSYLAWYQQKPGQAPRFLIYGASSRATGIPDRFSGSGSGTDFTLTISRLE
PEDFAVYYCQQYGSSPLFGGGTKVEIKRTVAAPSVFIFPPSDEQLKSGTASVVCLLNNFYPREAKVQWKVDNALQSGNSQ
ESVTEQDSKDSTYSLSSTLTLSKADYEKHKVYACEVTHQGLSSPVTKSFNRGEC
;
L
#
# COMPACT_ATOMS: atom_id res chain seq x y z
N GLN A 14 -5.91 -8.34 7.04
CA GLN A 14 -6.26 -9.35 6.05
C GLN A 14 -5.81 -10.73 6.50
N CYS A 15 -6.46 -11.77 5.99
CA CYS A 15 -6.24 -13.13 6.45
C CYS A 15 -5.34 -13.92 5.51
N VAL A 16 -5.02 -15.14 5.90
CA VAL A 16 -4.15 -15.99 5.11
C VAL A 16 -4.67 -17.41 5.08
N ASN A 17 -4.27 -18.17 4.07
CA ASN A 17 -4.60 -19.59 3.98
C ASN A 17 -3.33 -20.35 4.33
N LEU A 18 -3.40 -21.21 5.35
CA LEU A 18 -2.16 -21.83 5.80
C LEU A 18 -2.32 -23.29 6.23
N THR A 19 -3.34 -24.01 5.78
CA THR A 19 -3.31 -25.48 5.92
C THR A 19 -2.80 -26.10 4.62
N THR A 20 -3.61 -26.01 3.57
CA THR A 20 -3.21 -26.00 2.16
C THR A 20 -2.52 -27.28 1.67
N ARG A 21 -2.06 -28.15 2.57
CA ARG A 21 -1.51 -29.42 2.08
C ARG A 21 -1.74 -30.61 2.99
N THR A 22 -2.44 -30.49 4.11
CA THR A 22 -2.48 -31.55 5.10
C THR A 22 -3.89 -32.11 5.23
N GLN A 23 -4.01 -33.42 5.02
CA GLN A 23 -5.29 -34.10 5.15
C GLN A 23 -5.15 -35.45 5.85
N LEU A 24 -4.05 -35.66 6.58
CA LEU A 24 -3.78 -36.99 7.12
C LEU A 24 -4.85 -37.36 8.15
N PRO A 25 -5.25 -38.63 8.21
CA PRO A 25 -6.43 -39.01 9.00
C PRO A 25 -6.27 -38.67 10.47
N PRO A 26 -7.32 -38.20 11.11
CA PRO A 26 -7.23 -37.81 12.52
C PRO A 26 -7.18 -39.02 13.44
N ALA A 27 -6.69 -38.77 14.65
CA ALA A 27 -6.55 -39.81 15.66
C ALA A 27 -7.77 -39.87 16.56
N TYR A 28 -8.01 -41.04 17.12
CA TYR A 28 -9.10 -41.26 18.05
C TYR A 28 -8.53 -41.60 19.42
N THR A 29 -9.41 -41.61 20.41
CA THR A 29 -9.05 -41.95 21.79
C THR A 29 -10.33 -42.21 22.56
N ASN A 30 -10.20 -42.40 23.87
CA ASN A 30 -11.28 -42.89 24.70
C ASN A 30 -11.69 -41.85 25.74
N SER A 31 -12.99 -41.62 25.86
CA SER A 31 -13.54 -40.69 26.85
C SER A 31 -14.06 -41.47 28.05
N PHE A 32 -13.10 -41.94 28.86
CA PHE A 32 -13.38 -42.95 29.87
C PHE A 32 -14.48 -42.54 30.84
N THR A 33 -14.20 -41.55 31.67
CA THR A 33 -15.20 -40.90 32.53
C THR A 33 -14.81 -39.42 32.59
N ARG A 34 -15.36 -38.66 31.65
CA ARG A 34 -14.80 -37.36 31.33
C ARG A 34 -15.85 -36.57 30.57
N GLY A 35 -16.14 -35.37 31.04
CA GLY A 35 -17.21 -34.59 30.45
C GLY A 35 -18.51 -34.67 31.22
N VAL A 36 -18.46 -34.43 32.52
CA VAL A 36 -19.65 -34.35 33.35
C VAL A 36 -19.71 -32.95 33.92
N TYR A 37 -20.91 -32.55 34.37
CA TYR A 37 -21.09 -31.20 34.88
C TYR A 37 -22.39 -31.12 35.66
N TYR A 38 -22.39 -30.26 36.69
CA TYR A 38 -23.61 -29.96 37.42
C TYR A 38 -24.57 -29.23 36.49
N PRO A 39 -25.67 -29.83 36.09
CA PRO A 39 -26.58 -29.13 35.18
C PRO A 39 -27.59 -28.25 35.90
N ASP A 40 -27.15 -27.54 36.93
CA ASP A 40 -28.03 -26.68 37.72
C ASP A 40 -27.20 -26.01 38.81
N LYS A 41 -27.73 -24.91 39.35
CA LYS A 41 -27.13 -24.23 40.49
C LYS A 41 -27.75 -24.69 41.81
N VAL A 42 -28.21 -25.94 41.87
CA VAL A 42 -28.89 -26.45 43.05
C VAL A 42 -27.85 -26.87 44.09
N PHE A 43 -27.95 -26.31 45.28
CA PHE A 43 -27.15 -26.79 46.40
C PHE A 43 -27.73 -28.13 46.87
N ARG A 44 -26.86 -29.13 47.04
CA ARG A 44 -27.31 -30.47 47.35
C ARG A 44 -26.44 -31.07 48.44
N SER A 45 -26.80 -32.28 48.87
CA SER A 45 -26.13 -32.97 49.97
C SER A 45 -25.68 -34.36 49.54
N SER A 46 -25.24 -35.17 50.50
CA SER A 46 -24.74 -36.51 50.17
C SER A 46 -25.87 -37.44 49.79
N VAL A 47 -26.46 -37.23 48.61
CA VAL A 47 -27.61 -37.98 48.14
C VAL A 47 -27.29 -38.54 46.75
N LEU A 48 -28.28 -39.21 46.17
CA LEU A 48 -28.19 -39.77 44.84
C LEU A 48 -29.18 -39.04 43.94
N HIS A 49 -28.72 -38.60 42.77
CA HIS A 49 -29.58 -37.86 41.85
C HIS A 49 -29.45 -38.43 40.45
N SER A 50 -30.51 -38.25 39.67
CA SER A 50 -30.56 -38.69 38.28
C SER A 50 -31.06 -37.54 37.42
N THR A 51 -30.34 -37.25 36.34
CA THR A 51 -30.67 -36.13 35.47
C THR A 51 -30.53 -36.56 34.02
N GLN A 52 -31.36 -35.98 33.16
CA GLN A 52 -31.37 -36.25 31.73
C GLN A 52 -31.12 -34.95 30.97
N ASP A 53 -30.16 -34.97 30.05
CA ASP A 53 -29.80 -33.79 29.27
C ASP A 53 -28.83 -34.25 28.18
N LEU A 54 -28.29 -33.31 27.42
CA LEU A 54 -27.23 -33.63 26.47
C LEU A 54 -25.92 -33.87 27.22
N PHE A 55 -25.22 -34.94 26.86
CA PHE A 55 -23.99 -35.27 27.56
C PHE A 55 -23.02 -35.95 26.61
N LEU A 56 -21.76 -35.94 27.00
CA LEU A 56 -20.74 -36.70 26.29
C LEU A 56 -20.87 -38.16 26.69
N PRO A 57 -21.10 -39.07 25.74
CA PRO A 57 -21.27 -40.48 26.11
C PRO A 57 -20.02 -41.03 26.77
N PHE A 58 -20.22 -41.89 27.77
CA PHE A 58 -19.09 -42.52 28.45
C PHE A 58 -18.34 -43.43 27.49
N PHE A 59 -17.02 -43.37 27.54
CA PHE A 59 -16.15 -44.14 26.66
C PHE A 59 -16.47 -43.88 25.19
N SER A 60 -16.92 -42.67 24.88
CA SER A 60 -17.23 -42.32 23.51
C SER A 60 -15.98 -42.34 22.66
N ASN A 61 -16.15 -42.63 21.37
CA ASN A 61 -15.02 -42.68 20.45
C ASN A 61 -14.63 -41.25 20.13
N VAL A 62 -14.11 -40.58 21.16
CA VAL A 62 -13.91 -39.13 21.14
C VAL A 62 -12.80 -38.77 20.15
N THR A 63 -13.04 -37.70 19.40
CA THR A 63 -12.10 -37.28 18.36
C THR A 63 -10.95 -36.49 18.97
N TRP A 64 -9.75 -36.77 18.50
CA TRP A 64 -8.55 -36.02 18.84
C TRP A 64 -7.99 -35.41 17.58
N PHE A 65 -7.63 -34.13 17.65
CA PHE A 65 -7.12 -33.40 16.51
C PHE A 65 -5.65 -33.10 16.69
N HIS A 66 -5.09 -32.39 15.71
CA HIS A 66 -3.81 -31.73 15.87
C HIS A 66 -3.90 -30.34 15.27
N ALA A 67 -3.62 -29.35 16.10
CA ALA A 67 -3.35 -27.99 15.67
C ALA A 67 -1.94 -28.00 15.12
N ILE A 68 -1.28 -26.85 15.10
CA ILE A 68 0.11 -26.77 14.67
C ILE A 68 0.85 -27.99 15.20
N HIS A 69 1.55 -28.69 14.31
CA HIS A 69 2.10 -30.01 14.58
C HIS A 69 3.47 -30.09 13.95
N VAL A 70 4.52 -29.96 14.76
CA VAL A 70 5.89 -30.01 14.26
C VAL A 70 6.28 -31.49 14.22
N SER A 71 5.87 -32.15 13.15
CA SER A 71 6.20 -33.56 12.91
C SER A 71 7.34 -33.60 11.90
N GLY A 72 8.56 -33.38 12.40
CA GLY A 72 9.72 -33.37 11.55
C GLY A 72 10.91 -32.70 12.21
N THR A 73 12.12 -33.06 11.78
CA THR A 73 13.35 -32.50 12.33
C THR A 73 13.50 -31.06 11.83
N ASN A 74 12.76 -30.16 12.46
CA ASN A 74 12.71 -28.76 12.07
C ASN A 74 12.30 -28.60 10.61
N GLY A 75 11.53 -29.57 10.11
CA GLY A 75 11.18 -29.60 8.71
C GLY A 75 9.80 -29.09 8.36
N THR A 76 8.78 -29.53 9.11
CA THR A 76 7.40 -29.30 8.72
C THR A 76 6.60 -28.80 9.92
N LYS A 77 5.59 -27.99 9.62
CA LYS A 77 4.74 -27.33 10.60
C LYS A 77 3.27 -27.64 10.33
N ARG A 78 2.96 -28.92 10.22
CA ARG A 78 1.60 -29.39 10.00
C ARG A 78 0.61 -28.61 10.82
N PHE A 79 -0.44 -28.11 10.16
CA PHE A 79 -1.40 -27.21 10.79
C PHE A 79 -2.76 -27.42 10.14
N ASP A 80 -3.70 -28.01 10.87
CA ASP A 80 -4.96 -28.47 10.29
C ASP A 80 -6.15 -28.20 11.20
N ASN A 81 -6.28 -27.00 11.74
CA ASN A 81 -7.48 -26.73 12.54
C ASN A 81 -8.70 -26.72 11.62
N PRO A 82 -9.67 -27.58 11.83
CA PRO A 82 -10.85 -27.55 10.98
C PRO A 82 -11.98 -26.76 11.61
N VAL A 83 -12.99 -26.42 10.83
CA VAL A 83 -14.29 -26.19 11.42
C VAL A 83 -14.91 -27.54 11.72
N LEU A 84 -15.87 -27.55 12.65
CA LEU A 84 -16.45 -28.81 13.05
C LEU A 84 -17.96 -28.69 13.13
N PRO A 85 -18.69 -29.76 12.87
CA PRO A 85 -20.11 -29.76 13.19
C PRO A 85 -20.33 -29.51 14.66
N PHE A 86 -21.51 -29.02 14.97
CA PHE A 86 -21.95 -28.78 16.33
C PHE A 86 -23.34 -29.35 16.53
N ASN A 87 -23.48 -30.62 16.14
CA ASN A 87 -24.78 -31.28 16.01
C ASN A 87 -25.75 -30.90 17.11
N ASP A 88 -25.39 -31.20 18.35
CA ASP A 88 -26.21 -30.82 19.48
C ASP A 88 -25.40 -30.36 20.68
N GLY A 89 -24.07 -30.37 20.60
CA GLY A 89 -23.23 -29.98 21.71
C GLY A 89 -21.85 -30.59 21.61
N VAL A 90 -20.82 -29.88 22.06
CA VAL A 90 -19.45 -30.35 21.91
C VAL A 90 -18.77 -30.40 23.26
N TYR A 91 -17.87 -31.35 23.43
CA TYR A 91 -16.98 -31.42 24.57
C TYR A 91 -15.58 -31.10 24.10
N PHE A 92 -14.93 -30.14 24.76
CA PHE A 92 -13.67 -29.60 24.28
C PHE A 92 -12.66 -29.60 25.41
N ALA A 93 -11.46 -30.11 25.12
CA ALA A 93 -10.41 -30.14 26.12
C ALA A 93 -9.05 -30.11 25.43
N SER A 94 -8.05 -29.64 26.17
CA SER A 94 -6.72 -29.50 25.60
C SER A 94 -5.69 -29.39 26.72
N THR A 95 -4.46 -29.82 26.42
CA THR A 95 -3.37 -29.69 27.37
C THR A 95 -2.57 -28.42 27.12
N GLU A 96 -1.91 -28.35 25.95
CA GLU A 96 -1.37 -27.12 25.36
C GLU A 96 -0.79 -26.16 26.39
N LYS A 97 0.30 -26.59 27.03
CA LYS A 97 0.87 -25.85 28.16
C LYS A 97 1.06 -24.38 27.84
N SER A 98 1.54 -24.07 26.64
CA SER A 98 1.57 -22.68 26.20
C SER A 98 0.15 -22.25 25.84
N ASN A 99 -0.28 -21.10 26.35
CA ASN A 99 -1.66 -20.70 26.16
C ASN A 99 -1.88 -20.29 24.72
N ILE A 100 -1.78 -21.27 23.82
CA ILE A 100 -1.94 -21.04 22.40
C ILE A 100 -3.39 -21.06 21.95
N ILE A 101 -4.30 -21.51 22.81
CA ILE A 101 -5.72 -21.55 22.50
C ILE A 101 -6.39 -20.38 23.20
N ARG A 102 -7.17 -19.60 22.46
CA ARG A 102 -7.76 -18.40 23.01
C ARG A 102 -9.28 -18.38 22.98
N GLY A 103 -9.93 -19.32 22.34
CA GLY A 103 -11.38 -19.26 22.30
C GLY A 103 -11.92 -20.09 21.15
N TRP A 104 -13.07 -19.67 20.64
CA TRP A 104 -13.81 -20.48 19.69
C TRP A 104 -14.63 -19.56 18.79
N ILE A 105 -15.13 -20.15 17.69
CA ILE A 105 -15.78 -19.39 16.63
C ILE A 105 -17.18 -19.96 16.42
N PHE A 106 -17.84 -20.33 17.50
CA PHE A 106 -19.20 -20.86 17.44
C PHE A 106 -20.06 -20.12 16.44
N GLY A 107 -20.63 -20.87 15.50
CA GLY A 107 -21.46 -20.26 14.48
C GLY A 107 -22.20 -21.31 13.69
N THR A 108 -22.79 -20.87 12.57
CA THR A 108 -23.41 -21.78 11.64
C THR A 108 -22.84 -21.67 10.23
N THR A 109 -22.67 -20.46 9.71
CA THR A 109 -22.21 -20.26 8.35
C THR A 109 -20.80 -19.69 8.28
N LEU A 110 -20.38 -18.94 9.30
CA LEU A 110 -18.99 -18.51 9.44
C LEU A 110 -18.58 -17.54 8.34
N ASP A 111 -19.44 -16.56 8.08
CA ASP A 111 -19.20 -15.55 7.06
C ASP A 111 -20.15 -14.40 7.33
N SER A 112 -20.28 -13.50 6.35
CA SER A 112 -21.17 -12.37 6.48
C SER A 112 -22.61 -12.86 6.47
N LYS A 113 -23.56 -11.91 6.45
CA LYS A 113 -25.00 -12.15 6.36
C LYS A 113 -25.47 -13.24 7.31
N THR A 114 -24.74 -13.46 8.41
CA THR A 114 -25.10 -14.50 9.37
C THR A 114 -24.42 -14.17 10.68
N GLN A 115 -25.21 -13.75 11.67
CA GLN A 115 -24.63 -13.48 12.98
C GLN A 115 -24.03 -14.76 13.55
N SER A 116 -22.80 -14.66 14.07
CA SER A 116 -22.12 -15.80 14.65
C SER A 116 -21.37 -15.36 15.90
N LEU A 117 -21.10 -16.34 16.76
CA LEU A 117 -20.56 -16.10 18.08
C LEU A 117 -19.04 -16.17 18.07
N LEU A 118 -18.41 -15.46 19.01
CA LEU A 118 -16.97 -15.37 19.06
C LEU A 118 -16.49 -15.41 20.51
N ILE A 119 -15.37 -16.09 20.74
CA ILE A 119 -14.79 -16.26 22.07
C ILE A 119 -13.32 -15.90 21.94
N VAL A 120 -12.87 -14.86 22.65
CA VAL A 120 -11.45 -14.56 22.79
C VAL A 120 -11.20 -13.96 24.17
N ASN A 121 -9.97 -14.11 24.64
CA ASN A 121 -9.60 -13.63 25.96
C ASN A 121 -8.16 -13.18 25.99
N ASN A 122 -7.93 -11.92 26.36
CA ASN A 122 -6.59 -11.35 26.35
C ASN A 122 -5.79 -11.70 27.59
N ALA A 123 -5.78 -12.97 28.00
CA ALA A 123 -4.91 -13.44 29.07
C ALA A 123 -5.15 -12.72 30.39
N THR A 124 -6.08 -11.77 30.40
CA THR A 124 -6.43 -11.01 31.60
C THR A 124 -7.92 -10.82 31.75
N ASN A 125 -8.71 -11.07 30.72
CA ASN A 125 -10.14 -10.84 30.70
C ASN A 125 -10.67 -11.43 29.40
N VAL A 126 -11.91 -11.89 29.45
CA VAL A 126 -12.52 -12.50 28.28
C VAL A 126 -13.51 -11.49 27.69
N VAL A 127 -13.56 -11.45 26.37
CA VAL A 127 -14.51 -10.63 25.65
C VAL A 127 -15.28 -11.52 24.69
N ILE A 128 -16.59 -11.34 24.63
CA ILE A 128 -17.46 -12.25 23.92
C ILE A 128 -18.28 -11.42 22.94
N LYS A 129 -18.32 -11.85 21.69
CA LYS A 129 -19.09 -11.13 20.68
C LYS A 129 -19.95 -12.10 19.90
N VAL A 130 -21.11 -11.62 19.47
CA VAL A 130 -21.91 -12.30 18.46
C VAL A 130 -22.17 -11.30 17.35
N CYS A 131 -21.73 -11.62 16.14
CA CYS A 131 -21.80 -10.62 15.09
C CYS A 131 -21.89 -11.32 13.73
N GLU A 132 -22.33 -10.54 12.74
CA GLU A 132 -22.26 -10.97 11.35
C GLU A 132 -20.81 -10.76 10.89
N PHE A 133 -19.94 -11.60 11.41
CA PHE A 133 -18.51 -11.50 11.12
C PHE A 133 -18.25 -11.88 9.66
N GLN A 134 -16.98 -11.91 9.30
CA GLN A 134 -16.55 -12.49 8.03
C GLN A 134 -15.33 -13.37 8.29
N PHE A 135 -15.46 -14.28 9.25
CA PHE A 135 -14.38 -15.18 9.63
C PHE A 135 -13.68 -15.75 8.41
N CYS A 136 -12.40 -15.45 8.29
CA CYS A 136 -11.64 -16.02 7.19
C CYS A 136 -11.42 -17.50 7.40
N ASN A 137 -10.97 -18.16 6.34
CA ASN A 137 -10.95 -19.62 6.32
C ASN A 137 -10.15 -20.20 7.48
N ASP A 138 -9.13 -19.48 7.94
CA ASP A 138 -8.28 -19.96 9.03
C ASP A 138 -8.01 -18.83 10.00
N PRO A 139 -8.94 -18.56 10.90
CA PRO A 139 -8.74 -17.47 11.85
C PRO A 139 -7.65 -17.81 12.85
N PHE A 140 -7.07 -16.75 13.42
CA PHE A 140 -6.07 -16.90 14.47
C PHE A 140 -5.75 -15.51 15.03
N LEU A 141 -4.91 -15.50 16.05
CA LEU A 141 -4.54 -14.27 16.76
C LEU A 141 -3.05 -14.03 16.62
N GLY A 142 -2.67 -12.75 16.68
CA GLY A 142 -1.28 -12.35 16.57
C GLY A 142 -0.69 -12.00 17.92
N VAL A 143 0.38 -12.69 18.28
CA VAL A 143 1.03 -12.54 19.57
C VAL A 143 2.46 -12.11 19.31
N TYR A 144 2.78 -10.85 19.58
CA TYR A 144 4.06 -10.34 19.13
C TYR A 144 4.45 -9.02 19.79
N TYR A 145 5.75 -8.93 20.10
CA TYR A 145 6.30 -7.89 20.95
C TYR A 145 6.04 -6.51 20.37
N HIS A 146 5.80 -5.55 21.25
CA HIS A 146 5.15 -4.29 20.90
C HIS A 146 6.03 -3.09 21.24
N LYS A 147 7.35 -3.27 21.23
CA LYS A 147 8.37 -2.24 21.40
C LYS A 147 8.47 -1.75 22.84
N ASN A 148 7.54 -2.11 23.71
CA ASN A 148 7.50 -1.63 25.08
C ASN A 148 7.67 -2.79 26.03
N ASN A 149 8.92 -3.09 26.39
CA ASN A 149 9.23 -4.00 27.51
C ASN A 149 8.61 -5.38 27.29
N LYS A 150 8.85 -5.96 26.12
CA LYS A 150 8.39 -7.30 25.79
C LYS A 150 6.86 -7.37 25.69
N SER A 151 6.17 -6.29 26.01
CA SER A 151 4.72 -6.30 25.93
C SER A 151 4.28 -6.61 24.50
N TRP A 152 3.06 -7.13 24.39
CA TRP A 152 2.54 -7.61 23.12
C TRP A 152 1.05 -7.33 23.04
N MET A 153 0.61 -6.86 21.88
CA MET A 153 -0.80 -6.69 21.65
C MET A 153 -1.34 -7.94 20.98
N GLU A 154 -2.66 -8.07 21.00
CA GLU A 154 -3.29 -9.29 20.53
C GLU A 154 -4.30 -8.98 19.46
N SER A 155 -3.90 -8.20 18.46
CA SER A 155 -4.80 -7.82 17.38
C SER A 155 -5.50 -9.05 16.82
N GLU A 156 -6.76 -8.86 16.44
CA GLU A 156 -7.60 -9.94 15.97
C GLU A 156 -8.04 -9.76 14.52
N PHE A 157 -7.31 -8.96 13.75
CA PHE A 157 -7.64 -8.79 12.35
C PHE A 157 -7.37 -10.03 11.54
N ARG A 158 -6.66 -11.00 12.10
CA ARG A 158 -6.44 -12.28 11.46
C ARG A 158 -7.59 -13.23 11.68
N VAL A 159 -8.76 -12.70 12.01
CA VAL A 159 -9.91 -13.53 12.31
C VAL A 159 -11.05 -13.18 11.38
N TYR A 160 -11.51 -11.93 11.44
CA TYR A 160 -12.67 -11.48 10.69
C TYR A 160 -12.30 -10.26 9.87
N SER A 161 -12.47 -10.35 8.56
CA SER A 161 -12.21 -9.18 7.73
C SER A 161 -13.25 -8.09 7.91
N SER A 162 -14.38 -8.40 8.56
CA SER A 162 -15.43 -7.41 8.74
C SER A 162 -16.39 -7.87 9.83
N ALA A 163 -16.64 -6.98 10.79
CA ALA A 163 -17.67 -7.18 11.80
C ALA A 163 -18.46 -5.90 11.93
N ASN A 164 -19.78 -6.01 11.98
CA ASN A 164 -20.60 -4.79 11.95
C ASN A 164 -22.00 -5.08 12.44
N ASN A 165 -22.70 -4.00 12.80
CA ASN A 165 -24.13 -3.95 13.10
C ASN A 165 -24.58 -5.17 13.90
N CYS A 166 -23.82 -5.48 14.95
CA CYS A 166 -24.02 -6.73 15.65
C CYS A 166 -24.39 -6.50 17.11
N THR A 167 -25.25 -7.38 17.62
CA THR A 167 -26.11 -7.03 18.75
C THR A 167 -25.40 -7.18 20.10
N PHE A 168 -25.06 -8.40 20.48
CA PHE A 168 -24.77 -8.70 21.87
C PHE A 168 -23.27 -8.73 22.12
N GLU A 169 -22.91 -8.45 23.37
CA GLU A 169 -21.52 -8.36 23.76
C GLU A 169 -21.41 -8.75 25.24
N TYR A 170 -20.22 -9.15 25.66
CA TYR A 170 -20.01 -9.54 27.04
C TYR A 170 -18.52 -9.51 27.34
N VAL A 171 -18.19 -9.13 28.57
CA VAL A 171 -16.80 -9.08 29.02
C VAL A 171 -16.73 -9.60 30.44
N SER A 172 -15.70 -10.37 30.74
CA SER A 172 -15.50 -10.90 32.08
C SER A 172 -14.06 -11.36 32.24
N GLN A 173 -13.78 -11.94 33.41
CA GLN A 173 -12.48 -12.50 33.68
C GLN A 173 -12.22 -13.66 32.72
N PRO A 174 -10.98 -13.87 32.32
CA PRO A 174 -10.69 -14.89 31.31
C PRO A 174 -10.87 -16.29 31.87
N PHE A 175 -11.36 -17.18 31.03
CA PHE A 175 -11.52 -18.57 31.44
C PHE A 175 -10.18 -19.21 31.76
N LEU A 176 -9.21 -19.07 30.87
CA LEU A 176 -8.02 -19.90 30.85
C LEU A 176 -7.01 -19.40 31.88
N MET A 177 -7.22 -19.81 33.13
CA MET A 177 -6.31 -19.41 34.20
C MET A 177 -4.99 -20.17 34.05
N ASP A 178 -3.91 -19.43 33.80
CA ASP A 178 -2.57 -20.02 33.73
C ASP A 178 -2.05 -20.20 35.14
N LEU A 179 -2.54 -21.24 35.80
CA LEU A 179 -2.18 -21.49 37.18
C LEU A 179 -0.67 -21.76 37.29
N GLU A 180 -0.16 -21.61 38.51
CA GLU A 180 1.28 -21.64 38.73
C GLU A 180 1.80 -23.08 38.63
N GLY A 181 1.77 -23.64 37.42
CA GLY A 181 2.36 -24.93 37.19
C GLY A 181 3.83 -24.82 36.82
N LYS A 182 4.11 -24.14 35.71
CA LYS A 182 5.42 -23.59 35.35
C LYS A 182 6.53 -24.63 35.26
N GLN A 183 6.25 -25.91 35.51
CA GLN A 183 7.24 -26.96 35.31
C GLN A 183 6.82 -27.89 34.18
N GLY A 184 5.65 -28.48 34.29
CA GLY A 184 5.08 -29.34 33.28
C GLY A 184 5.21 -30.79 33.65
N ASN A 185 4.18 -31.30 34.30
CA ASN A 185 3.94 -32.73 34.46
C ASN A 185 2.48 -33.08 34.29
N PHE A 186 1.58 -32.14 34.45
CA PHE A 186 0.14 -32.29 34.55
C PHE A 186 -0.61 -31.51 33.48
N LYS A 187 -0.16 -30.31 33.13
CA LYS A 187 -0.69 -29.53 32.02
C LYS A 187 -2.09 -28.99 32.31
N ASN A 188 -2.69 -29.43 33.42
CA ASN A 188 -3.95 -28.90 33.93
C ASN A 188 -5.14 -29.21 33.04
N LEU A 189 -4.88 -29.75 31.84
CA LEU A 189 -5.90 -30.23 30.91
C LEU A 189 -7.10 -29.29 30.86
N ARG A 190 -6.89 -28.07 30.35
CA ARG A 190 -8.00 -27.18 30.07
C ARG A 190 -9.13 -27.94 29.38
N GLU A 191 -10.32 -27.87 29.97
CA GLU A 191 -11.44 -28.70 29.55
C GLU A 191 -12.71 -27.87 29.51
N PHE A 192 -13.62 -28.23 28.60
CA PHE A 192 -14.80 -27.41 28.36
C PHE A 192 -15.94 -28.27 27.86
N VAL A 193 -17.16 -27.81 28.12
CA VAL A 193 -18.38 -28.35 27.52
C VAL A 193 -19.27 -27.20 27.10
N PHE A 194 -19.80 -27.27 25.89
CA PHE A 194 -20.67 -26.24 25.36
C PHE A 194 -21.99 -26.86 24.91
N LYS A 195 -23.08 -26.16 25.19
CA LYS A 195 -24.37 -26.52 24.61
C LYS A 195 -25.16 -25.24 24.38
N ASN A 196 -26.03 -25.29 23.38
CA ASN A 196 -26.90 -24.17 23.05
C ASN A 196 -28.31 -24.69 22.91
N ILE A 197 -29.21 -24.23 23.77
CA ILE A 197 -30.61 -24.57 23.71
C ILE A 197 -31.42 -23.29 23.87
N ASP A 198 -32.64 -23.31 23.34
CA ASP A 198 -33.65 -22.27 23.50
C ASP A 198 -33.07 -20.87 23.38
N GLY A 199 -32.03 -20.71 22.55
CA GLY A 199 -31.35 -19.44 22.43
C GLY A 199 -30.36 -19.14 23.52
N TYR A 200 -30.16 -20.06 24.46
CA TYR A 200 -29.22 -19.86 25.56
C TYR A 200 -27.96 -20.69 25.32
N PHE A 201 -26.81 -20.07 25.51
CA PHE A 201 -25.52 -20.70 25.31
C PHE A 201 -24.84 -20.87 26.66
N LYS A 202 -24.46 -22.10 26.98
CA LYS A 202 -24.01 -22.45 28.32
C LYS A 202 -22.54 -22.85 28.29
N ILE A 203 -21.84 -22.58 29.39
CA ILE A 203 -20.40 -22.73 29.46
C ILE A 203 -20.04 -23.56 30.69
N TYR A 204 -19.18 -24.56 30.49
CA TYR A 204 -18.70 -25.40 31.57
C TYR A 204 -17.21 -25.61 31.39
N SER A 205 -16.48 -25.66 32.51
CA SER A 205 -15.04 -25.89 32.43
C SER A 205 -14.52 -26.25 33.81
N LYS A 206 -13.30 -26.79 33.83
CA LYS A 206 -12.56 -26.98 35.06
C LYS A 206 -11.09 -27.25 34.78
N HIS A 207 -10.22 -26.40 35.32
CA HIS A 207 -8.80 -26.71 35.29
C HIS A 207 -8.52 -27.90 36.19
N THR A 208 -7.75 -28.86 35.69
CA THR A 208 -7.47 -30.04 36.50
C THR A 208 -6.17 -30.68 36.09
N PRO A 209 -5.17 -30.68 36.97
CA PRO A 209 -3.88 -31.30 36.64
C PRO A 209 -4.04 -32.76 36.29
N ILE A 210 -3.36 -33.17 35.21
CA ILE A 210 -3.30 -34.58 34.80
C ILE A 210 -1.83 -34.95 34.65
N ASN A 211 -1.24 -35.46 35.73
CA ASN A 211 0.16 -35.85 35.68
C ASN A 211 0.41 -36.97 34.68
N LEU A 212 -0.64 -37.65 34.23
CA LEU A 212 -0.48 -38.64 33.18
C LEU A 212 0.10 -37.99 31.94
N VAL A 213 1.06 -38.68 31.32
CA VAL A 213 1.87 -38.05 30.29
C VAL A 213 1.06 -37.81 29.03
N ARG A 214 0.26 -38.78 28.61
CA ARG A 214 -0.20 -38.81 27.22
C ARG A 214 -1.70 -38.55 27.08
N ASP A 215 -2.56 -39.42 27.61
CA ASP A 215 -3.96 -39.40 27.21
C ASP A 215 -4.88 -39.01 28.36
N LEU A 216 -6.17 -39.07 28.08
CA LEU A 216 -7.19 -38.59 29.01
C LEU A 216 -7.22 -39.46 30.26
N PRO A 217 -7.70 -38.93 31.38
CA PRO A 217 -7.56 -39.63 32.65
C PRO A 217 -8.61 -40.72 32.83
N GLN A 218 -8.35 -41.58 33.80
CA GLN A 218 -9.35 -42.50 34.32
C GLN A 218 -10.12 -41.90 35.48
N GLY A 219 -9.69 -40.75 35.99
CA GLY A 219 -10.35 -40.11 37.11
C GLY A 219 -11.60 -39.38 36.70
N PHE A 220 -12.22 -38.74 37.69
CA PHE A 220 -13.51 -38.10 37.52
C PHE A 220 -13.44 -36.65 37.98
N SER A 221 -14.07 -35.76 37.22
CA SER A 221 -14.17 -34.36 37.60
C SER A 221 -15.28 -33.73 36.78
N ALA A 222 -16.29 -33.18 37.44
CA ALA A 222 -17.47 -32.65 36.77
C ALA A 222 -17.37 -31.14 36.62
N LEU A 223 -17.53 -30.66 35.40
CA LEU A 223 -17.44 -29.23 35.14
C LEU A 223 -18.55 -28.48 35.86
N GLU A 224 -18.49 -27.15 35.79
CA GLU A 224 -19.48 -26.32 36.45
C GLU A 224 -19.95 -25.23 35.52
N PRO A 225 -21.18 -24.77 35.69
CA PRO A 225 -21.70 -23.72 34.81
C PRO A 225 -20.98 -22.40 35.01
N LEU A 226 -20.19 -21.98 34.03
CA LEU A 226 -19.53 -20.69 34.14
C LEU A 226 -20.52 -19.57 33.93
N VAL A 227 -21.06 -19.49 32.71
CA VAL A 227 -21.91 -18.39 32.29
C VAL A 227 -22.91 -18.92 31.29
N ASP A 228 -24.17 -18.53 31.44
CA ASP A 228 -25.21 -18.81 30.47
C ASP A 228 -25.47 -17.55 29.68
N LEU A 229 -25.48 -17.68 28.36
CA LEU A 229 -25.42 -16.54 27.49
C LEU A 229 -26.73 -16.36 26.73
N PRO A 230 -27.39 -15.23 26.87
CA PRO A 230 -28.62 -14.92 26.10
C PRO A 230 -28.28 -14.59 24.65
N ILE A 231 -28.12 -15.63 23.85
CA ILE A 231 -27.59 -15.50 22.50
C ILE A 231 -28.70 -15.56 21.47
N GLY A 232 -29.46 -16.64 21.44
CA GLY A 232 -30.50 -16.78 20.44
C GLY A 232 -29.98 -16.91 19.03
N ILE A 233 -28.93 -17.70 18.82
CA ILE A 233 -28.40 -17.95 17.49
C ILE A 233 -28.48 -19.44 17.19
N ASN A 234 -28.64 -19.76 15.92
CA ASN A 234 -28.75 -21.13 15.45
C ASN A 234 -27.35 -21.67 15.16
N ILE A 235 -26.63 -21.98 16.25
CA ILE A 235 -25.27 -22.50 16.11
C ILE A 235 -25.31 -23.94 15.61
N THR A 236 -24.58 -24.21 14.54
CA THR A 236 -24.60 -25.53 13.93
C THR A 236 -23.20 -26.10 13.74
N ARG A 237 -22.20 -25.24 13.62
CA ARG A 237 -20.85 -25.67 13.29
C ARG A 237 -19.86 -24.66 13.82
N PHE A 238 -18.89 -25.12 14.61
CA PHE A 238 -17.94 -24.25 15.26
C PHE A 238 -16.53 -24.54 14.78
N GLN A 239 -15.65 -23.58 15.04
CA GLN A 239 -14.23 -23.73 14.79
C GLN A 239 -13.47 -23.19 15.99
N THR A 240 -12.44 -23.91 16.40
CA THR A 240 -11.62 -23.41 17.47
C THR A 240 -10.73 -22.27 16.99
N LEU A 241 -10.33 -21.41 17.92
CA LEU A 241 -9.55 -20.23 17.59
C LEU A 241 -8.18 -20.33 18.24
N LEU A 242 -7.15 -20.14 17.43
CA LEU A 242 -5.77 -20.33 17.86
C LEU A 242 -5.05 -19.00 17.91
N ALA A 243 -3.92 -18.99 18.58
CA ALA A 243 -3.07 -17.80 18.68
C ALA A 243 -1.69 -18.16 18.17
N LEU A 244 -1.15 -17.34 17.28
CA LEU A 244 0.17 -17.58 16.72
C LEU A 244 1.08 -16.39 17.03
N HIS A 245 2.34 -16.71 17.32
CA HIS A 245 3.34 -15.68 17.59
C HIS A 245 3.87 -15.17 16.26
N ARG A 246 3.50 -13.94 15.91
CA ARG A 246 3.96 -13.34 14.66
C ARG A 246 5.47 -13.30 14.62
N SER A 247 6.04 -13.95 13.61
CA SER A 247 7.48 -13.97 13.49
C SER A 247 8.01 -12.56 13.25
N TYR A 248 9.32 -12.42 13.34
CA TYR A 248 9.97 -11.15 13.05
C TYR A 248 10.16 -11.03 11.55
N LEU A 249 11.02 -10.12 11.11
CA LEU A 249 11.26 -9.98 9.68
C LEU A 249 11.48 -11.34 9.07
N THR A 250 10.58 -11.75 8.19
CA THR A 250 10.69 -13.02 7.53
C THR A 250 10.30 -12.78 6.09
N PRO A 251 11.11 -13.27 5.14
CA PRO A 251 10.66 -13.29 3.74
C PRO A 251 9.28 -13.89 3.61
N GLY A 252 8.30 -13.06 3.27
CA GLY A 252 6.90 -13.44 3.31
C GLY A 252 6.34 -13.30 4.71
N ASP A 253 5.18 -12.64 4.83
CA ASP A 253 4.60 -12.41 6.18
C ASP A 253 3.14 -12.89 6.26
N SER A 254 2.53 -13.27 5.14
CA SER A 254 1.15 -13.72 5.20
C SER A 254 1.07 -15.20 5.54
N SER A 255 1.76 -16.05 4.79
CA SER A 255 1.65 -17.50 4.93
C SER A 255 2.95 -18.11 5.43
N SER A 256 3.53 -17.50 6.45
CA SER A 256 4.90 -17.78 6.81
C SER A 256 5.03 -17.69 8.32
N GLY A 257 6.23 -17.40 8.80
CA GLY A 257 6.53 -17.44 10.22
C GLY A 257 5.47 -16.93 11.17
N TRP A 258 5.04 -17.84 12.04
CA TRP A 258 4.06 -17.60 13.09
C TRP A 258 4.28 -18.69 14.14
N THR A 259 3.29 -18.90 14.99
CA THR A 259 3.06 -20.13 15.76
C THR A 259 4.31 -20.62 16.49
N ALA A 260 4.71 -19.84 17.48
CA ALA A 260 5.49 -20.41 18.56
C ALA A 260 4.67 -21.52 19.22
N GLY A 261 5.30 -22.67 19.43
CA GLY A 261 4.63 -23.79 20.06
C GLY A 261 3.66 -24.51 19.16
N ALA A 262 3.47 -25.79 19.42
CA ALA A 262 2.50 -26.63 18.74
C ALA A 262 1.27 -26.81 19.64
N ALA A 263 0.24 -27.44 19.09
CA ALA A 263 -0.98 -27.58 19.87
C ALA A 263 -1.83 -28.72 19.33
N ALA A 264 -2.73 -29.20 20.18
CA ALA A 264 -3.77 -30.15 19.82
C ALA A 264 -4.84 -30.09 20.89
N TYR A 265 -6.01 -30.64 20.57
CA TYR A 265 -7.11 -30.63 21.52
C TYR A 265 -8.02 -31.81 21.24
N TYR A 266 -8.83 -32.16 22.24
CA TYR A 266 -9.72 -33.30 22.17
C TYR A 266 -11.16 -32.81 22.02
N VAL A 267 -11.91 -33.43 21.11
CA VAL A 267 -13.27 -33.01 20.81
C VAL A 267 -14.17 -34.22 20.79
N GLY A 268 -15.29 -34.15 21.52
CA GLY A 268 -16.28 -35.21 21.54
C GLY A 268 -17.69 -34.66 21.59
N TYR A 269 -18.55 -35.16 20.71
CA TYR A 269 -19.86 -34.55 20.56
C TYR A 269 -20.78 -34.93 21.71
N LEU A 270 -21.77 -34.08 21.95
CA LEU A 270 -22.79 -34.36 22.96
C LEU A 270 -23.96 -35.12 22.33
N GLN A 271 -24.82 -35.64 23.20
CA GLN A 271 -26.03 -36.32 22.77
C GLN A 271 -26.97 -36.42 23.97
N PRO A 272 -28.29 -36.41 23.76
CA PRO A 272 -29.20 -36.49 24.90
C PRO A 272 -29.06 -37.83 25.60
N ARG A 273 -29.10 -37.80 26.92
CA ARG A 273 -28.91 -38.99 27.72
C ARG A 273 -29.37 -38.68 29.14
N THR A 274 -29.48 -39.72 29.95
CA THR A 274 -29.74 -39.57 31.37
C THR A 274 -28.66 -40.29 32.15
N PHE A 275 -28.43 -39.84 33.38
CA PHE A 275 -27.39 -40.42 34.21
C PHE A 275 -27.78 -40.29 35.68
N LEU A 276 -27.33 -41.27 36.48
CA LEU A 276 -27.51 -41.25 37.93
C LEU A 276 -26.21 -40.79 38.56
N LEU A 277 -26.30 -39.75 39.40
CA LEU A 277 -25.12 -39.07 39.91
C LEU A 277 -25.03 -39.23 41.43
N LYS A 278 -23.81 -39.09 41.93
CA LYS A 278 -23.49 -39.31 43.34
C LYS A 278 -22.97 -38.02 43.95
N TYR A 279 -23.86 -37.25 44.56
CA TYR A 279 -23.45 -36.05 45.28
C TYR A 279 -22.76 -36.43 46.59
N ASN A 280 -22.19 -35.43 47.25
CA ASN A 280 -21.51 -35.63 48.51
C ASN A 280 -21.94 -34.53 49.49
N GLU A 281 -21.39 -34.59 50.70
CA GLU A 281 -21.55 -33.48 51.63
C GLU A 281 -20.92 -32.21 51.07
N ASN A 282 -19.93 -32.36 50.21
CA ASN A 282 -19.41 -31.23 49.43
C ASN A 282 -20.20 -31.03 48.15
N GLY A 283 -21.26 -31.79 47.94
CA GLY A 283 -22.05 -31.66 46.73
C GLY A 283 -21.27 -31.90 45.46
N THR A 284 -20.23 -32.71 45.53
CA THR A 284 -19.34 -32.96 44.41
C THR A 284 -19.71 -34.28 43.77
N ILE A 285 -20.04 -34.24 42.47
CA ILE A 285 -20.38 -35.46 41.76
C ILE A 285 -19.15 -36.36 41.67
N THR A 286 -19.40 -37.67 41.68
CA THR A 286 -18.32 -38.65 41.60
C THR A 286 -18.43 -39.62 40.44
N ASP A 287 -19.63 -39.96 39.98
CA ASP A 287 -19.74 -40.92 38.88
C ASP A 287 -21.17 -40.94 38.37
N ALA A 288 -21.33 -41.51 37.17
CA ALA A 288 -22.62 -41.67 36.52
C ALA A 288 -22.60 -42.96 35.71
N VAL A 289 -23.78 -43.47 35.37
CA VAL A 289 -23.90 -44.82 34.84
C VAL A 289 -24.86 -44.85 33.66
N ASP A 290 -24.55 -45.70 32.67
CA ASP A 290 -25.47 -46.12 31.64
C ASP A 290 -25.05 -47.49 31.11
N GLN B 1 -15.70 1.78 -0.23
CA GLN B 1 -14.80 1.56 -1.34
C GLN B 1 -13.40 2.08 -1.02
N VAL B 2 -12.37 1.36 -1.47
CA VAL B 2 -11.00 1.67 -1.07
C VAL B 2 -10.53 2.95 -1.72
N GLN B 3 -10.07 3.88 -0.90
CA GLN B 3 -9.58 5.16 -1.41
C GLN B 3 -8.83 5.92 -0.34
N LEU B 4 -7.65 6.41 -0.67
CA LEU B 4 -6.88 7.26 0.22
C LEU B 4 -6.87 8.68 -0.31
N VAL B 5 -6.81 9.63 0.61
CA VAL B 5 -6.59 11.02 0.26
C VAL B 5 -5.59 11.58 1.26
N GLU B 6 -4.66 12.38 0.74
CA GLU B 6 -3.59 12.99 1.57
C GLU B 6 -3.64 14.51 1.43
N SER B 7 -3.27 15.22 2.50
CA SER B 7 -3.27 16.67 2.51
C SER B 7 -2.18 17.16 3.44
N GLY B 8 -1.90 18.46 3.35
CA GLY B 8 -0.82 19.07 4.08
C GLY B 8 0.33 19.53 3.21
N GLY B 9 0.23 19.35 1.90
CA GLY B 9 1.27 19.83 1.01
C GLY B 9 1.18 21.32 0.80
N GLY B 10 2.26 21.86 0.26
CA GLY B 10 2.37 23.28 0.02
C GLY B 10 3.72 23.81 0.37
N VAL B 11 3.86 25.14 0.25
CA VAL B 11 5.15 25.77 0.38
C VAL B 11 5.66 25.68 1.82
N VAL B 12 6.98 25.71 1.96
CA VAL B 12 7.62 25.83 3.25
C VAL B 12 9.08 26.20 3.01
N GLN B 13 9.64 27.06 3.86
CA GLN B 13 11.03 27.39 3.73
C GLN B 13 11.88 26.29 4.37
N PRO B 14 13.14 26.14 3.93
CA PRO B 14 13.98 25.08 4.48
C PRO B 14 14.18 25.23 5.99
N GLY B 15 14.24 24.10 6.66
CA GLY B 15 14.51 24.06 8.08
C GLY B 15 13.27 23.95 8.95
N ARG B 16 12.10 24.32 8.44
CA ARG B 16 10.89 24.28 9.24
C ARG B 16 10.38 22.85 9.32
N SER B 17 9.14 22.70 9.79
CA SER B 17 8.50 21.40 9.91
C SER B 17 7.15 21.44 9.23
N LEU B 18 6.76 20.31 8.65
CA LEU B 18 5.44 20.16 8.07
C LEU B 18 4.95 18.76 8.38
N ARG B 19 3.63 18.64 8.57
CA ARG B 19 3.00 17.41 9.05
C ARG B 19 1.98 16.96 8.02
N LEU B 20 2.41 16.09 7.10
CA LEU B 20 1.52 15.62 6.06
C LEU B 20 0.42 14.75 6.64
N SER B 21 -0.79 14.95 6.15
CA SER B 21 -1.95 14.16 6.54
C SER B 21 -2.36 13.29 5.37
N CYS B 22 -2.67 12.02 5.66
CA CYS B 22 -3.24 11.11 4.67
C CYS B 22 -4.47 10.49 5.28
N ALA B 23 -5.64 10.85 4.76
CA ALA B 23 -6.91 10.32 5.23
C ALA B 23 -7.25 9.04 4.48
N ALA B 24 -7.92 8.13 5.18
CA ALA B 24 -8.21 6.82 4.63
C ALA B 24 -9.68 6.49 4.80
N SER B 25 -10.20 5.71 3.84
CA SER B 25 -11.57 5.26 3.89
C SER B 25 -11.78 4.12 2.91
N GLY B 26 -12.31 3.00 3.39
CA GLY B 26 -12.65 1.92 2.48
C GLY B 26 -12.00 0.60 2.77
N PHE B 27 -11.42 0.47 3.96
CA PHE B 27 -10.90 -0.83 4.41
C PHE B 27 -10.63 -0.71 5.90
N THR B 28 -10.37 -1.86 6.52
CA THR B 28 -10.11 -1.91 7.95
C THR B 28 -8.75 -1.27 8.20
N PHE B 29 -8.74 0.07 8.15
CA PHE B 29 -7.49 0.80 8.01
C PHE B 29 -6.47 0.44 9.06
N SER B 30 -6.89 0.26 10.29
CA SER B 30 -5.89 -0.03 11.31
C SER B 30 -5.52 -1.50 11.26
N SER B 31 -5.27 -2.01 10.06
CA SER B 31 -4.85 -3.40 9.92
C SER B 31 -3.81 -3.54 8.83
N PHE B 32 -3.07 -2.48 8.53
CA PHE B 32 -2.16 -2.49 7.41
C PHE B 32 -1.07 -1.47 7.68
N GLY B 33 0.17 -1.84 7.39
CA GLY B 33 1.22 -0.85 7.35
C GLY B 33 0.95 0.16 6.26
N MET B 34 1.45 1.37 6.46
CA MET B 34 1.31 2.44 5.48
C MET B 34 2.68 2.97 5.12
N HIS B 35 2.93 3.13 3.83
CA HIS B 35 4.19 3.64 3.33
C HIS B 35 4.06 5.09 2.90
N TRP B 36 5.20 5.77 2.84
CA TRP B 36 5.29 7.09 2.24
C TRP B 36 6.25 7.02 1.07
N VAL B 37 5.77 7.37 -0.11
CA VAL B 37 6.57 7.32 -1.32
C VAL B 37 6.55 8.69 -1.95
N ARG B 38 7.72 9.21 -2.27
CA ARG B 38 7.83 10.54 -2.86
C ARG B 38 8.49 10.43 -4.23
N GLN B 39 8.29 11.48 -5.03
CA GLN B 39 8.73 11.46 -6.42
C GLN B 39 9.04 12.90 -6.82
N ALA B 40 10.31 13.27 -6.77
CA ALA B 40 10.72 14.59 -7.18
C ALA B 40 10.51 14.74 -8.69
N PRO B 41 10.18 15.94 -9.15
CA PRO B 41 9.92 16.12 -10.59
C PRO B 41 11.11 15.69 -11.40
N GLY B 42 10.84 14.89 -12.44
CA GLY B 42 11.88 14.38 -13.30
C GLY B 42 12.61 13.16 -12.80
N LYS B 43 12.42 12.78 -11.54
CA LYS B 43 13.09 11.63 -10.96
C LYS B 43 12.10 10.52 -10.69
N GLY B 44 12.62 9.31 -10.59
CA GLY B 44 11.79 8.17 -10.28
C GLY B 44 11.34 8.17 -8.84
N LEU B 45 10.38 7.30 -8.55
CA LEU B 45 9.85 7.17 -7.19
C LEU B 45 10.97 6.81 -6.23
N GLU B 46 11.04 7.53 -5.12
CA GLU B 46 11.96 7.20 -4.04
C GLU B 46 11.14 6.87 -2.81
N TRP B 47 11.23 5.64 -2.35
CA TRP B 47 10.50 5.25 -1.15
C TRP B 47 11.07 6.00 0.03
N VAL B 48 10.21 6.29 1.01
CA VAL B 48 10.63 7.14 2.11
C VAL B 48 10.52 6.41 3.43
N ALA B 49 9.30 6.08 3.82
CA ALA B 49 9.10 5.57 5.16
C ALA B 49 7.83 4.76 5.19
N VAL B 50 7.79 3.81 6.13
CA VAL B 50 6.64 2.94 6.31
C VAL B 50 6.43 2.77 7.80
N ILE B 51 5.17 2.75 8.22
CA ILE B 51 4.82 2.64 9.62
C ILE B 51 4.09 1.33 9.84
N SER B 52 4.44 0.65 10.93
CA SER B 52 3.69 -0.54 11.32
C SER B 52 2.26 -0.15 11.62
N PHE B 53 1.34 -1.07 11.33
CA PHE B 53 -0.08 -0.73 11.39
C PHE B 53 -0.45 -0.19 12.76
N ASP B 54 0.11 -0.77 13.81
CA ASP B 54 -0.12 -0.25 15.15
C ASP B 54 0.92 0.78 15.57
N GLY B 55 1.94 1.01 14.74
CA GLY B 55 2.95 1.99 15.07
C GLY B 55 4.08 1.49 15.93
N SER B 56 4.10 0.20 16.29
CA SER B 56 5.19 -0.31 17.12
C SER B 56 6.51 -0.29 16.38
N ASN B 57 6.49 -0.31 15.05
CA ASN B 57 7.71 -0.30 14.28
C ASN B 57 7.67 0.79 13.25
N LYS B 58 8.78 1.50 13.12
CA LYS B 58 8.92 2.58 12.18
C LYS B 58 10.24 2.40 11.43
N TYR B 59 10.20 2.62 10.12
CA TYR B 59 11.40 2.54 9.31
C TYR B 59 11.43 3.68 8.32
N TYR B 60 12.63 4.15 8.02
CA TYR B 60 12.83 5.27 7.11
C TYR B 60 14.04 4.98 6.24
N ALA B 61 14.04 5.53 5.04
CA ALA B 61 15.23 5.44 4.20
C ALA B 61 16.33 6.32 4.76
N ASP B 62 17.57 5.91 4.53
CA ASP B 62 18.70 6.74 4.96
C ASP B 62 18.65 8.11 4.30
N SER B 63 17.95 8.25 3.19
CA SER B 63 17.78 9.56 2.56
C SER B 63 17.11 10.54 3.51
N VAL B 64 16.30 10.05 4.44
CA VAL B 64 15.60 10.94 5.35
C VAL B 64 15.79 10.46 6.78
N LYS B 65 16.73 9.53 6.98
CA LYS B 65 16.90 8.90 8.27
C LYS B 65 17.25 9.93 9.34
N GLY B 66 16.67 9.76 10.52
CA GLY B 66 16.90 10.66 11.62
C GLY B 66 16.33 12.05 11.42
N ARG B 67 15.57 12.25 10.34
CA ARG B 67 15.03 13.56 10.03
C ARG B 67 13.55 13.54 9.71
N PHE B 68 12.96 12.38 9.44
CA PHE B 68 11.54 12.22 9.28
C PHE B 68 11.01 11.31 10.37
N THR B 69 9.78 11.53 10.79
CA THR B 69 9.13 10.62 11.71
C THR B 69 7.71 10.35 11.23
N ILE B 70 7.24 9.15 11.51
CA ILE B 70 5.96 8.66 11.01
C ILE B 70 5.03 8.37 12.18
N SER B 71 3.77 8.76 12.03
CA SER B 71 2.78 8.56 13.08
C SER B 71 1.42 8.36 12.44
N ARG B 72 0.50 7.80 13.22
CA ARG B 72 -0.81 7.45 12.70
C ARG B 72 -1.81 7.38 13.84
N ASP B 73 -3.05 7.68 13.52
CA ASP B 73 -4.15 7.62 14.49
C ASP B 73 -5.18 6.64 13.96
N ASN B 74 -5.14 5.42 14.49
CA ASN B 74 -6.05 4.38 14.02
C ASN B 74 -7.50 4.76 14.26
N SER B 75 -7.77 5.47 15.35
CA SER B 75 -9.13 5.95 15.59
C SER B 75 -9.57 6.93 14.50
N LYS B 76 -8.65 7.81 14.07
CA LYS B 76 -8.98 8.76 13.03
C LYS B 76 -8.91 8.15 11.64
N ASN B 77 -8.31 6.96 11.49
CA ASN B 77 -8.11 6.33 10.18
C ASN B 77 -7.28 7.23 9.28
N THR B 78 -6.21 7.78 9.82
CA THR B 78 -5.48 8.84 9.15
C THR B 78 -3.99 8.71 9.42
N LEU B 79 -3.18 9.04 8.41
CA LEU B 79 -1.74 8.84 8.44
C LEU B 79 -1.02 10.18 8.48
N TYR B 80 -0.06 10.31 9.38
CA TYR B 80 0.67 11.56 9.59
C TYR B 80 2.14 11.37 9.29
N LEU B 81 2.67 12.19 8.39
CA LEU B 81 4.10 12.24 8.09
C LEU B 81 4.69 13.49 8.72
N HIS B 82 5.54 13.29 9.73
CA HIS B 82 6.22 14.40 10.38
C HIS B 82 7.59 14.59 9.75
N MET B 83 7.89 15.84 9.41
CA MET B 83 9.14 16.20 8.74
C MET B 83 9.74 17.41 9.43
N ASN B 84 11.05 17.41 9.59
CA ASN B 84 11.78 18.59 10.04
C ASN B 84 13.07 18.68 9.25
N SER B 85 13.64 19.89 9.21
CA SER B 85 14.86 20.16 8.46
C SER B 85 14.70 19.73 6.99
N LEU B 86 13.77 20.39 6.32
CA LEU B 86 13.38 20.03 4.96
C LEU B 86 14.38 20.62 3.98
N ARG B 87 15.35 19.82 3.55
CA ARG B 87 16.34 20.31 2.62
C ARG B 87 15.73 20.57 1.25
N ALA B 88 16.55 21.06 0.34
CA ALA B 88 16.05 21.54 -0.95
C ALA B 88 15.51 20.40 -1.80
N GLU B 89 16.28 19.33 -1.94
CA GLU B 89 15.85 18.24 -2.82
C GLU B 89 14.61 17.53 -2.31
N ASP B 90 14.23 17.77 -1.05
CA ASP B 90 13.09 17.06 -0.47
C ASP B 90 11.79 17.39 -1.17
N THR B 91 11.70 18.52 -1.85
CA THR B 91 10.45 18.89 -2.51
C THR B 91 10.11 17.87 -3.58
N ALA B 92 8.86 17.44 -3.59
CA ALA B 92 8.41 16.37 -4.47
C ALA B 92 6.91 16.21 -4.30
N VAL B 93 6.34 15.38 -5.15
CA VAL B 93 5.02 14.84 -4.86
C VAL B 93 5.19 13.77 -3.78
N TYR B 94 4.23 13.68 -2.88
CA TYR B 94 4.31 12.73 -1.79
C TYR B 94 3.08 11.82 -1.83
N TYR B 95 3.33 10.52 -1.90
CA TYR B 95 2.27 9.52 -2.00
C TYR B 95 2.20 8.75 -0.70
N CYS B 96 0.99 8.58 -0.17
CA CYS B 96 0.76 7.65 0.91
C CYS B 96 0.10 6.40 0.35
N ALA B 97 0.59 5.25 0.76
CA ALA B 97 0.05 3.99 0.24
C ALA B 97 0.18 2.92 1.32
N LYS B 98 -0.70 1.94 1.22
CA LYS B 98 -0.83 0.92 2.26
C LYS B 98 -0.04 -0.33 1.90
N ASP B 99 0.51 -0.96 2.92
CA ASP B 99 1.08 -2.28 2.77
C ASP B 99 0.01 -3.26 2.30
N GLN B 100 0.45 -4.45 1.92
CA GLN B 100 -0.45 -5.55 1.66
C GLN B 100 -0.65 -6.42 2.88
N ASP B 101 0.10 -6.19 3.95
CA ASP B 101 -0.04 -7.02 5.14
C ASP B 101 0.40 -6.19 6.35
N ASP B 102 0.52 -6.86 7.49
CA ASP B 102 0.91 -6.19 8.73
C ASP B 102 2.38 -5.84 8.60
N GLY B 103 2.64 -4.68 8.01
CA GLY B 103 4.02 -4.27 7.94
C GLY B 103 4.54 -4.18 9.35
N TYR B 104 5.32 -5.18 9.76
CA TYR B 104 5.78 -5.26 11.12
C TYR B 104 7.30 -5.13 11.21
N TYR B 105 8.03 -6.00 10.54
CA TYR B 105 9.45 -5.79 10.30
C TYR B 105 9.75 -6.15 8.85
N TYR B 106 8.80 -5.88 7.98
CA TYR B 106 8.72 -6.50 6.67
C TYR B 106 7.62 -5.80 5.91
N TYR B 107 7.80 -5.65 4.61
CA TYR B 107 6.96 -4.70 3.89
C TYR B 107 6.69 -5.26 2.49
N TYR B 108 5.48 -5.76 2.28
CA TYR B 108 5.09 -5.99 0.91
C TYR B 108 5.05 -4.71 0.09
N TYR B 109 4.88 -4.94 -1.20
CA TYR B 109 4.66 -3.91 -2.19
C TYR B 109 3.49 -3.03 -1.80
N MET B 110 3.58 -1.75 -2.10
CA MET B 110 2.42 -0.89 -1.96
C MET B 110 1.40 -1.26 -3.02
N ASP B 111 0.18 -1.58 -2.60
CA ASP B 111 -0.80 -2.16 -3.51
C ASP B 111 -1.79 -1.15 -4.09
N VAL B 112 -2.28 -0.23 -3.27
CA VAL B 112 -3.19 0.80 -3.74
C VAL B 112 -2.73 2.12 -3.16
N TRP B 113 -2.71 3.14 -4.01
CA TRP B 113 -2.03 4.39 -3.70
C TRP B 113 -3.03 5.52 -3.64
N GLY B 114 -2.61 6.61 -3.01
CA GLY B 114 -3.48 7.76 -2.90
C GLY B 114 -3.51 8.56 -4.18
N LYS B 115 -3.39 9.87 -4.08
CA LYS B 115 -3.37 10.71 -5.26
C LYS B 115 -2.25 11.73 -5.27
N GLY B 116 -1.42 11.77 -4.23
CA GLY B 116 -0.25 12.62 -4.23
C GLY B 116 -0.53 14.06 -3.86
N THR B 117 0.30 14.60 -2.97
CA THR B 117 0.33 16.02 -2.68
C THR B 117 1.74 16.53 -2.89
N THR B 118 1.85 17.79 -3.31
CA THR B 118 3.12 18.38 -3.66
C THR B 118 3.58 19.28 -2.52
N VAL B 119 4.83 19.12 -2.13
CA VAL B 119 5.48 20.04 -1.20
C VAL B 119 6.60 20.74 -1.96
N THR B 120 6.74 22.04 -1.72
CA THR B 120 7.79 22.83 -2.33
C THR B 120 8.57 23.50 -1.21
N VAL B 121 9.86 23.22 -1.16
CA VAL B 121 10.74 23.84 -0.17
C VAL B 121 11.53 24.95 -0.88
N SER B 122 11.33 26.17 -0.43
CA SER B 122 12.02 27.32 -1.00
C SER B 122 11.92 28.48 -0.05
N GLY B 123 12.96 29.31 -0.03
CA GLY B 123 12.87 30.58 0.65
C GLY B 123 12.15 31.65 -0.12
N ALA B 124 11.82 31.37 -1.38
CA ALA B 124 11.13 32.35 -2.21
C ALA B 124 9.74 32.62 -1.67
N SER B 125 9.31 33.87 -1.77
CA SER B 125 7.97 34.27 -1.41
C SER B 125 7.03 34.05 -2.59
N THR B 126 5.73 34.02 -2.29
CA THR B 126 4.74 33.89 -3.35
C THR B 126 4.81 35.10 -4.27
N LYS B 127 4.65 34.85 -5.57
CA LYS B 127 4.78 35.90 -6.56
C LYS B 127 4.06 35.49 -7.83
N GLY B 128 3.41 36.45 -8.48
CA GLY B 128 2.76 36.21 -9.74
C GLY B 128 3.77 36.14 -10.87
N PRO B 129 3.28 36.11 -12.10
CA PRO B 129 4.19 35.96 -13.25
C PRO B 129 4.67 37.28 -13.80
N SER B 130 5.52 37.20 -14.82
CA SER B 130 5.90 38.36 -15.64
C SER B 130 5.67 37.92 -17.08
N VAL B 131 4.43 38.03 -17.53
CA VAL B 131 4.03 37.49 -18.82
C VAL B 131 4.58 38.36 -19.92
N PHE B 132 5.26 37.74 -20.89
CA PHE B 132 5.90 38.46 -21.98
C PHE B 132 5.50 37.83 -23.30
N PRO B 133 5.01 38.61 -24.25
CA PRO B 133 4.62 38.05 -25.55
C PRO B 133 5.81 37.49 -26.31
N LEU B 134 5.49 36.63 -27.28
CA LEU B 134 6.50 35.99 -28.14
C LEU B 134 6.17 36.40 -29.58
N ALA B 135 6.87 37.42 -30.06
CA ALA B 135 6.51 38.05 -31.33
C ALA B 135 6.81 37.12 -32.49
N PRO B 136 5.85 36.84 -33.37
CA PRO B 136 6.14 36.03 -34.55
C PRO B 136 7.17 36.70 -35.45
N SER B 137 7.85 35.87 -36.25
CA SER B 137 8.80 36.36 -37.23
C SER B 137 8.05 36.88 -38.45
N SER B 138 8.75 37.09 -39.56
CA SER B 138 8.11 37.56 -40.77
C SER B 138 7.03 36.57 -41.20
N LYS B 139 6.28 36.97 -42.24
CA LYS B 139 4.98 36.38 -42.55
C LYS B 139 4.90 34.88 -42.27
N SER B 140 5.82 34.11 -42.82
CA SER B 140 5.93 32.69 -42.47
C SER B 140 7.27 32.36 -41.83
N THR B 141 8.37 32.58 -42.55
CA THR B 141 9.73 32.18 -42.19
C THR B 141 9.85 30.66 -42.13
N SER B 142 8.74 29.95 -42.26
CA SER B 142 8.75 28.50 -42.28
C SER B 142 7.79 27.87 -43.27
N GLY B 143 6.79 28.59 -43.78
CA GLY B 143 5.75 27.97 -44.57
C GLY B 143 4.37 28.19 -43.98
N GLY B 144 3.76 27.12 -43.48
CA GLY B 144 2.43 27.22 -42.90
C GLY B 144 2.39 26.97 -41.41
N THR B 145 3.54 27.07 -40.75
CA THR B 145 3.66 26.80 -39.31
C THR B 145 4.10 28.09 -38.61
N ALA B 146 3.14 28.92 -38.24
CA ALA B 146 3.45 30.17 -37.56
C ALA B 146 3.73 29.92 -36.08
N ALA B 147 4.82 30.50 -35.59
CA ALA B 147 5.23 30.34 -34.20
C ALA B 147 4.88 31.60 -33.42
N LEU B 148 4.12 31.41 -32.35
CA LEU B 148 3.86 32.51 -31.41
C LEU B 148 3.38 31.88 -30.10
N GLY B 149 3.94 32.36 -28.99
CA GLY B 149 3.58 31.80 -27.70
C GLY B 149 3.60 32.85 -26.61
N CYS B 150 3.70 32.40 -25.37
CA CYS B 150 3.77 33.31 -24.23
C CYS B 150 4.83 32.82 -23.27
N LEU B 151 5.57 33.75 -22.68
CA LEU B 151 6.58 33.46 -21.68
C LEU B 151 6.12 34.02 -20.34
N VAL B 152 6.07 33.15 -19.33
CA VAL B 152 5.82 33.56 -17.95
C VAL B 152 7.11 33.36 -17.17
N LYS B 153 7.47 34.38 -16.38
CA LYS B 153 8.79 34.44 -15.79
C LYS B 153 8.68 34.79 -14.31
N ASP B 154 9.60 34.23 -13.52
CA ASP B 154 9.78 34.60 -12.12
C ASP B 154 8.47 34.52 -11.34
N TYR B 155 7.72 33.45 -11.58
CA TYR B 155 6.47 33.22 -10.87
C TYR B 155 6.61 32.04 -9.92
N PHE B 156 5.71 31.98 -8.96
CA PHE B 156 5.82 30.99 -7.90
C PHE B 156 4.55 30.94 -7.08
N PRO B 157 4.07 29.74 -6.73
CA PRO B 157 4.60 28.49 -7.26
C PRO B 157 3.61 27.80 -8.19
N GLU B 158 4.03 26.70 -8.79
CA GLU B 158 3.13 25.89 -9.56
C GLU B 158 2.18 25.15 -8.62
N PRO B 159 1.06 24.62 -9.14
CA PRO B 159 0.44 24.67 -10.46
C PRO B 159 0.27 26.05 -11.05
N VAL B 160 0.17 26.09 -12.38
CA VAL B 160 -0.23 27.28 -13.12
C VAL B 160 -0.86 26.80 -14.41
N THR B 161 -1.70 27.63 -15.00
CA THR B 161 -2.43 27.22 -16.18
C THR B 161 -2.53 28.38 -17.16
N VAL B 162 -2.36 28.06 -18.44
CA VAL B 162 -2.46 29.04 -19.52
C VAL B 162 -3.50 28.55 -20.52
N SER B 163 -4.41 29.44 -20.90
CA SER B 163 -5.42 29.14 -21.90
C SER B 163 -5.29 30.12 -23.04
N TRP B 164 -5.30 29.60 -24.27
CA TRP B 164 -5.28 30.42 -25.46
C TRP B 164 -6.69 30.66 -25.94
N ASN B 165 -7.09 31.94 -25.98
CA ASN B 165 -8.42 32.34 -26.43
C ASN B 165 -9.51 31.66 -25.60
N SER B 166 -9.45 31.91 -24.29
CA SER B 166 -10.47 31.48 -23.34
C SER B 166 -10.71 29.98 -23.42
N GLY B 167 -9.63 29.21 -23.61
CA GLY B 167 -9.70 27.78 -23.68
C GLY B 167 -10.37 27.22 -24.91
N ALA B 168 -11.03 28.05 -25.72
CA ALA B 168 -11.67 27.56 -26.93
C ALA B 168 -10.67 27.02 -27.94
N LEU B 169 -9.40 27.43 -27.84
CA LEU B 169 -8.34 26.93 -28.69
C LEU B 169 -7.54 25.89 -27.92
N THR B 170 -7.55 24.65 -28.42
CA THR B 170 -6.82 23.57 -27.75
C THR B 170 -6.00 22.78 -28.76
N SER B 171 -6.43 22.80 -30.02
CA SER B 171 -5.73 22.04 -31.06
C SER B 171 -4.39 22.68 -31.37
N GLY B 172 -3.30 21.92 -31.18
CA GLY B 172 -1.97 22.39 -31.48
C GLY B 172 -1.30 23.19 -30.40
N VAL B 173 -1.94 23.37 -29.24
CA VAL B 173 -1.31 24.08 -28.14
C VAL B 173 -0.16 23.23 -27.57
N HIS B 174 0.87 23.91 -27.07
CA HIS B 174 2.01 23.23 -26.48
C HIS B 174 2.47 24.05 -25.29
N THR B 175 2.14 23.60 -24.09
CA THR B 175 2.55 24.24 -22.86
C THR B 175 3.52 23.31 -22.13
N PHE B 176 4.62 23.87 -21.67
CA PHE B 176 5.71 23.10 -21.12
C PHE B 176 5.68 23.11 -19.60
N PRO B 177 6.22 22.07 -18.96
CA PRO B 177 6.45 22.14 -17.52
C PRO B 177 7.45 23.21 -17.18
N ALA B 178 7.33 23.77 -15.98
CA ALA B 178 8.23 24.82 -15.54
C ALA B 178 9.53 24.23 -15.01
N VAL B 179 10.50 25.10 -14.80
CA VAL B 179 11.80 24.73 -14.27
C VAL B 179 12.20 25.73 -13.20
N LEU B 180 12.85 25.24 -12.14
CA LEU B 180 13.41 26.10 -11.11
C LEU B 180 14.90 26.26 -11.36
N GLN B 181 15.35 27.50 -11.44
CA GLN B 181 16.72 27.86 -11.73
C GLN B 181 17.43 28.30 -10.45
N SER B 182 18.63 28.85 -10.59
CA SER B 182 19.34 29.38 -9.43
C SER B 182 18.60 30.54 -8.78
N SER B 183 17.65 31.15 -9.49
CA SER B 183 16.86 32.22 -8.90
C SER B 183 16.02 31.70 -7.74
N GLY B 184 15.45 30.52 -7.88
CA GLY B 184 14.53 29.97 -6.91
C GLY B 184 13.07 30.10 -7.28
N LEU B 185 12.74 30.93 -8.26
CA LEU B 185 11.39 31.06 -8.77
C LEU B 185 11.17 30.02 -9.86
N TYR B 186 10.07 30.16 -10.60
CA TYR B 186 9.75 29.26 -11.69
C TYR B 186 9.52 30.06 -12.96
N SER B 187 9.41 29.35 -14.07
CA SER B 187 9.20 29.96 -15.37
C SER B 187 8.88 28.86 -16.37
N LEU B 188 7.95 29.14 -17.28
CA LEU B 188 7.65 28.22 -18.36
C LEU B 188 7.15 29.01 -19.54
N SER B 189 6.81 28.30 -20.61
CA SER B 189 6.34 28.91 -21.83
C SER B 189 5.20 28.11 -22.40
N SER B 190 4.17 28.80 -22.88
CA SER B 190 3.09 28.20 -23.64
C SER B 190 3.22 28.63 -25.09
N VAL B 191 2.73 27.78 -25.99
CA VAL B 191 2.80 28.07 -27.42
C VAL B 191 1.79 27.17 -28.11
N VAL B 192 1.37 27.59 -29.31
CA VAL B 192 0.45 26.83 -30.14
C VAL B 192 0.91 26.95 -31.58
N THR B 193 0.74 25.88 -32.34
CA THR B 193 1.07 25.88 -33.75
C THR B 193 -0.13 26.40 -34.55
N VAL B 194 0.12 27.41 -35.38
CA VAL B 194 -0.95 28.04 -36.15
C VAL B 194 -0.45 28.30 -37.56
N PRO B 195 -1.37 28.36 -38.52
CA PRO B 195 -0.98 28.69 -39.89
C PRO B 195 -0.40 30.09 -39.96
N SER B 196 0.53 30.27 -40.92
CA SER B 196 1.15 31.58 -41.11
C SER B 196 0.12 32.62 -41.53
N SER B 197 -0.80 32.25 -42.42
CA SER B 197 -1.78 33.20 -42.90
C SER B 197 -2.77 33.61 -41.82
N SER B 198 -2.81 32.91 -40.69
CA SER B 198 -3.75 33.22 -39.62
C SER B 198 -3.18 34.19 -38.60
N LEU B 199 -1.86 34.39 -38.57
CA LEU B 199 -1.28 35.29 -37.58
C LEU B 199 -1.68 36.73 -37.89
N GLY B 200 -2.00 37.49 -36.84
CA GLY B 200 -2.37 38.87 -37.02
C GLY B 200 -3.79 39.03 -37.51
N THR B 201 -4.16 38.21 -38.51
CA THR B 201 -5.50 38.32 -39.11
C THR B 201 -6.61 38.10 -38.09
N GLN B 202 -6.31 37.43 -36.98
CA GLN B 202 -7.28 37.29 -35.90
C GLN B 202 -6.54 37.21 -34.57
N THR B 203 -7.26 37.51 -33.50
CA THR B 203 -6.67 37.75 -32.20
C THR B 203 -6.18 36.47 -31.54
N TYR B 204 -4.96 36.50 -31.02
CA TYR B 204 -4.42 35.47 -30.13
C TYR B 204 -4.20 36.05 -28.76
N ILE B 205 -4.67 35.35 -27.73
CA ILE B 205 -4.50 35.76 -26.34
C ILE B 205 -4.15 34.54 -25.52
N CYS B 206 -3.23 34.71 -24.57
CA CYS B 206 -2.93 33.69 -23.58
C CYS B 206 -3.38 34.19 -22.21
N ASN B 207 -4.07 33.33 -21.48
CA ASN B 207 -4.70 33.69 -20.20
C ASN B 207 -4.08 32.85 -19.10
N VAL B 208 -2.99 33.36 -18.52
CA VAL B 208 -2.34 32.67 -17.42
C VAL B 208 -3.27 32.68 -16.21
N ASN B 209 -3.21 31.60 -15.43
CA ASN B 209 -4.01 31.48 -14.22
C ASN B 209 -3.07 31.09 -13.07
N HIS B 210 -2.73 32.06 -12.24
CA HIS B 210 -1.85 31.85 -11.09
C HIS B 210 -2.68 32.00 -9.83
N LYS B 211 -2.98 30.88 -9.18
CA LYS B 211 -3.97 30.86 -8.12
C LYS B 211 -3.48 31.48 -6.81
N PRO B 212 -2.38 31.01 -6.22
CA PRO B 212 -2.00 31.53 -4.90
C PRO B 212 -1.75 33.03 -4.89
N SER B 213 -1.21 33.60 -5.96
CA SER B 213 -1.09 35.05 -6.06
C SER B 213 -2.39 35.72 -6.44
N ASN B 214 -3.39 34.95 -6.86
CA ASN B 214 -4.68 35.47 -7.32
C ASN B 214 -4.46 36.50 -8.43
N THR B 215 -3.82 36.04 -9.50
CA THR B 215 -3.45 36.91 -10.61
C THR B 215 -3.68 36.16 -11.91
N LYS B 216 -4.71 36.57 -12.65
CA LYS B 216 -5.01 36.03 -13.97
C LYS B 216 -4.83 37.14 -14.99
N VAL B 217 -3.84 37.00 -15.86
CA VAL B 217 -3.43 38.07 -16.76
C VAL B 217 -3.69 37.62 -18.20
N ASP B 218 -4.36 38.48 -18.96
CA ASP B 218 -4.51 38.29 -20.38
C ASP B 218 -3.36 38.99 -21.11
N LYS B 219 -3.03 38.48 -22.28
CA LYS B 219 -1.92 39.03 -23.06
C LYS B 219 -2.27 39.03 -24.53
N ARG B 220 -1.71 39.99 -25.25
CA ARG B 220 -1.90 40.15 -26.68
C ARG B 220 -0.56 40.04 -27.38
N VAL B 221 -0.54 39.38 -28.53
CA VAL B 221 0.71 39.08 -29.24
C VAL B 221 0.60 39.54 -30.68
N GLU B 222 1.63 40.26 -31.14
CA GLU B 222 1.81 40.75 -32.50
C GLU B 222 3.19 40.38 -33.00
N PRO B 223 3.36 40.25 -34.33
CA PRO B 223 4.66 40.06 -34.95
C PRO B 223 5.61 41.22 -34.67
N ILE C 2 22.76 -0.98 -0.98
CA ILE C 2 22.12 -1.70 -2.06
C ILE C 2 21.71 -0.72 -3.14
N VAL C 3 21.77 -1.15 -4.40
CA VAL C 3 21.27 -0.34 -5.50
C VAL C 3 20.69 -1.24 -6.58
N LEU C 4 19.43 -1.01 -6.91
CA LEU C 4 18.76 -1.72 -7.98
C LEU C 4 18.66 -0.81 -9.19
N THR C 5 18.84 -1.38 -10.38
CA THR C 5 18.80 -0.62 -11.61
C THR C 5 18.03 -1.37 -12.67
N GLN C 6 17.14 -0.67 -13.37
CA GLN C 6 16.47 -1.22 -14.53
C GLN C 6 17.34 -1.04 -15.77
N SER C 7 16.82 -1.48 -16.90
CA SER C 7 17.47 -1.28 -18.18
C SER C 7 16.48 -1.61 -19.29
N PRO C 8 16.51 -0.90 -20.41
CA PRO C 8 17.40 0.25 -20.64
C PRO C 8 16.89 1.52 -19.98
N GLY C 9 17.48 2.65 -20.32
CA GLY C 9 16.95 3.92 -19.83
C GLY C 9 15.53 4.16 -20.30
N THR C 10 15.25 3.84 -21.56
CA THR C 10 13.90 3.94 -22.09
C THR C 10 13.74 2.95 -23.22
N LEU C 11 12.49 2.61 -23.51
CA LEU C 11 12.16 1.71 -24.59
C LEU C 11 11.08 2.35 -25.44
N SER C 12 11.27 2.36 -26.76
CA SER C 12 10.38 3.05 -27.67
C SER C 12 9.85 2.06 -28.69
N LEU C 13 8.55 1.76 -28.61
CA LEU C 13 7.96 0.75 -29.46
C LEU C 13 6.58 1.17 -29.91
N SER C 14 6.20 0.73 -31.11
CA SER C 14 4.85 0.91 -31.59
C SER C 14 3.93 -0.03 -30.82
N PRO C 15 2.61 0.12 -30.97
CA PRO C 15 1.71 -0.84 -30.32
C PRO C 15 1.92 -2.25 -30.85
N GLY C 16 1.80 -3.22 -29.94
CA GLY C 16 1.62 -4.61 -30.31
C GLY C 16 2.84 -5.51 -30.13
N GLU C 17 4.05 -4.97 -30.19
CA GLU C 17 5.24 -5.81 -30.17
C GLU C 17 5.65 -6.16 -28.74
N ARG C 18 6.16 -7.37 -28.55
CA ARG C 18 6.59 -7.82 -27.24
C ARG C 18 7.71 -6.94 -26.71
N ALA C 19 7.58 -6.51 -25.46
CA ALA C 19 8.55 -5.63 -24.82
C ALA C 19 8.99 -6.23 -23.50
N THR C 20 10.28 -6.17 -23.24
CA THR C 20 10.85 -6.65 -22.00
C THR C 20 11.51 -5.50 -21.26
N LEU C 21 11.54 -5.60 -19.94
CA LEU C 21 12.07 -4.52 -19.10
C LEU C 21 13.05 -5.14 -18.10
N SER C 22 14.34 -5.06 -18.41
CA SER C 22 15.35 -5.68 -17.56
C SER C 22 15.39 -5.02 -16.20
N CYS C 23 15.66 -5.82 -15.18
CA CYS C 23 15.81 -5.33 -13.81
C CYS C 23 16.99 -6.05 -13.19
N ARG C 24 18.10 -5.33 -13.01
CA ARG C 24 19.32 -5.89 -12.47
C ARG C 24 19.52 -5.37 -11.06
N ALA C 25 19.83 -6.27 -10.14
CA ALA C 25 20.01 -5.94 -8.73
C ALA C 25 21.46 -6.12 -8.33
N SER C 26 21.95 -5.24 -7.46
CA SER C 26 23.32 -5.34 -7.00
C SER C 26 23.54 -6.66 -6.25
N GLN C 27 22.70 -6.94 -5.26
CA GLN C 27 22.74 -8.20 -4.55
C GLN C 27 21.54 -9.05 -4.93
N SER C 28 21.55 -10.30 -4.50
CA SER C 28 20.42 -11.17 -4.76
C SER C 28 19.28 -10.83 -3.80
N VAL C 29 18.11 -10.56 -4.36
CA VAL C 29 16.95 -10.19 -3.55
C VAL C 29 16.35 -11.44 -2.94
N SER C 30 16.15 -11.42 -1.63
CA SER C 30 15.73 -12.60 -0.90
C SER C 30 14.40 -13.11 -1.45
N SER C 31 14.39 -14.36 -1.88
CA SER C 31 13.17 -15.06 -2.26
C SER C 31 12.40 -14.31 -3.35
N SER C 32 13.13 -13.69 -4.27
CA SER C 32 12.54 -13.11 -5.46
C SER C 32 11.40 -12.16 -5.13
N TYR C 33 11.61 -11.33 -4.12
CA TYR C 33 10.59 -10.37 -3.69
C TYR C 33 10.67 -9.09 -4.51
N LEU C 34 10.45 -9.26 -5.80
CA LEU C 34 10.40 -8.14 -6.72
C LEU C 34 8.96 -7.77 -7.01
N ALA C 35 8.71 -6.48 -7.19
CA ALA C 35 7.40 -6.01 -7.61
C ALA C 35 7.57 -4.95 -8.68
N TRP C 36 6.51 -4.74 -9.46
CA TRP C 36 6.52 -3.77 -10.53
C TRP C 36 5.40 -2.77 -10.34
N TYR C 37 5.51 -1.64 -11.04
CA TYR C 37 4.45 -0.64 -11.00
C TYR C 37 4.37 0.06 -12.33
N GLN C 38 3.18 0.56 -12.64
CA GLN C 38 2.93 1.35 -13.82
C GLN C 38 2.41 2.72 -13.39
N GLN C 39 3.06 3.77 -13.86
CA GLN C 39 2.67 5.13 -13.51
C GLN C 39 2.61 5.98 -14.77
N LYS C 40 1.45 6.55 -15.04
CA LYS C 40 1.19 7.49 -16.11
C LYS C 40 1.30 8.91 -15.58
N PRO C 41 1.88 9.82 -16.34
CA PRO C 41 2.06 11.19 -15.83
C PRO C 41 0.74 11.80 -15.42
N GLY C 42 0.77 12.52 -14.30
CA GLY C 42 -0.45 13.06 -13.74
C GLY C 42 -1.31 12.06 -13.01
N GLN C 43 -0.80 10.86 -12.74
CA GLN C 43 -1.58 9.86 -12.03
C GLN C 43 -0.77 9.27 -10.89
N ALA C 44 -1.27 8.21 -10.28
CA ALA C 44 -0.58 7.52 -9.22
C ALA C 44 -0.19 6.12 -9.67
N PRO C 45 0.92 5.60 -9.18
CA PRO C 45 1.37 4.28 -9.63
C PRO C 45 0.35 3.21 -9.34
N ARG C 46 0.17 2.30 -10.29
CA ARG C 46 -0.64 1.11 -10.08
C ARG C 46 0.28 -0.07 -9.79
N PHE C 47 -0.28 -1.09 -9.16
CA PHE C 47 0.50 -2.24 -8.75
C PHE C 47 0.27 -3.39 -9.72
N LEU C 48 1.33 -3.85 -10.37
CA LEU C 48 1.21 -4.78 -11.50
C LEU C 48 1.55 -6.22 -11.15
N ILE C 49 2.78 -6.48 -10.72
CA ILE C 49 3.22 -7.83 -10.43
C ILE C 49 4.03 -7.83 -9.14
N TYR C 50 3.89 -8.91 -8.38
CA TYR C 50 4.75 -9.19 -7.25
C TYR C 50 5.37 -10.57 -7.43
N GLY C 51 6.40 -10.84 -6.64
CA GLY C 51 7.08 -12.12 -6.72
C GLY C 51 7.68 -12.40 -8.08
N ALA C 52 7.88 -11.35 -8.87
CA ALA C 52 8.53 -11.42 -10.18
C ALA C 52 7.70 -12.19 -11.18
N SER C 53 6.61 -12.81 -10.76
CA SER C 53 5.76 -13.51 -11.72
C SER C 53 4.27 -13.38 -11.48
N SER C 54 3.82 -12.97 -10.31
CA SER C 54 2.42 -13.12 -9.96
C SER C 54 1.62 -11.93 -10.48
N ARG C 55 0.78 -12.16 -11.47
CA ARG C 55 -0.14 -11.13 -11.92
C ARG C 55 -1.06 -10.72 -10.79
N ALA C 56 -1.37 -9.43 -10.73
CA ALA C 56 -2.23 -8.91 -9.68
C ALA C 56 -3.66 -8.78 -10.18
N THR C 57 -4.54 -8.36 -9.28
CA THR C 57 -5.94 -8.24 -9.63
C THR C 57 -6.16 -7.12 -10.64
N GLY C 58 -7.16 -7.30 -11.49
CA GLY C 58 -7.54 -6.30 -12.46
C GLY C 58 -6.48 -6.04 -13.50
N ILE C 59 -5.47 -6.89 -13.57
CA ILE C 59 -4.33 -6.72 -14.47
C ILE C 59 -4.59 -7.53 -15.72
N PRO C 60 -4.40 -6.96 -16.91
CA PRO C 60 -4.49 -7.75 -18.14
C PRO C 60 -3.46 -8.87 -18.14
N ASP C 61 -3.82 -9.99 -18.74
CA ASP C 61 -2.93 -11.14 -18.78
C ASP C 61 -1.68 -10.89 -19.61
N ARG C 62 -1.69 -9.85 -20.45
CA ARG C 62 -0.52 -9.60 -21.29
C ARG C 62 0.69 -9.20 -20.46
N PHE C 63 0.48 -8.64 -19.29
CA PHE C 63 1.59 -8.33 -18.38
C PHE C 63 2.08 -9.61 -17.73
N SER C 64 3.39 -9.81 -17.76
CA SER C 64 4.00 -10.98 -17.14
C SER C 64 5.46 -10.66 -16.88
N GLY C 65 6.14 -11.58 -16.22
CA GLY C 65 7.55 -11.39 -15.94
C GLY C 65 8.10 -12.61 -15.26
N SER C 66 9.42 -12.59 -15.05
CA SER C 66 10.10 -13.73 -14.47
C SER C 66 11.45 -13.28 -13.92
N GLY C 67 12.25 -14.23 -13.48
CA GLY C 67 13.57 -13.96 -12.96
C GLY C 67 13.72 -14.45 -11.53
N SER C 68 14.98 -14.42 -11.09
CA SER C 68 15.34 -14.73 -9.71
C SER C 68 16.76 -14.25 -9.50
N GLY C 69 17.22 -14.33 -8.25
CA GLY C 69 18.58 -13.96 -7.95
C GLY C 69 18.88 -12.49 -8.12
N THR C 70 19.60 -12.15 -9.20
CA THR C 70 19.98 -10.76 -9.47
C THR C 70 19.57 -10.35 -10.88
N ASP C 71 18.58 -11.01 -11.46
CA ASP C 71 18.21 -10.71 -12.84
C ASP C 71 16.71 -10.89 -13.00
N PHE C 72 16.04 -9.82 -13.42
CA PHE C 72 14.59 -9.76 -13.52
C PHE C 72 14.18 -9.13 -14.84
N THR C 73 12.93 -9.36 -15.21
CA THR C 73 12.43 -8.87 -16.49
C THR C 73 10.91 -8.82 -16.45
N LEU C 74 10.35 -7.64 -16.62
CA LEU C 74 8.92 -7.53 -16.88
C LEU C 74 8.70 -7.59 -18.38
N THR C 75 7.69 -8.34 -18.80
CA THR C 75 7.39 -8.47 -20.21
C THR C 75 5.92 -8.17 -20.47
N ILE C 76 5.67 -7.49 -21.58
CA ILE C 76 4.33 -7.15 -22.02
C ILE C 76 4.19 -7.62 -23.45
N SER C 77 3.30 -8.60 -23.68
CA SER C 77 3.26 -9.29 -24.96
C SER C 77 2.83 -8.37 -26.09
N ARG C 78 1.72 -7.67 -25.93
CA ARG C 78 1.24 -6.76 -26.96
C ARG C 78 0.73 -5.49 -26.31
N LEU C 79 1.05 -4.36 -26.92
CA LEU C 79 0.89 -3.07 -26.26
C LEU C 79 -0.36 -2.37 -26.78
N GLU C 80 -1.01 -1.66 -25.88
CA GLU C 80 -2.22 -0.90 -26.16
C GLU C 80 -1.95 0.58 -25.87
N PRO C 81 -2.72 1.49 -26.48
CA PRO C 81 -2.35 2.90 -26.40
C PRO C 81 -2.17 3.41 -24.98
N GLU C 82 -3.01 2.97 -24.05
CA GLU C 82 -2.86 3.39 -22.66
C GLU C 82 -1.72 2.68 -21.94
N ASP C 83 -1.15 1.65 -22.54
CA ASP C 83 -0.09 0.90 -21.87
C ASP C 83 1.27 1.57 -21.97
N PHE C 84 1.32 2.85 -22.30
CA PHE C 84 2.59 3.55 -22.49
C PHE C 84 2.78 4.52 -21.34
N ALA C 85 3.44 4.05 -20.29
CA ALA C 85 3.76 4.87 -19.14
C ALA C 85 4.95 4.27 -18.44
N VAL C 86 5.64 5.10 -17.67
CA VAL C 86 6.86 4.70 -16.98
C VAL C 86 6.59 3.48 -16.13
N TYR C 87 7.53 2.55 -16.08
CA TYR C 87 7.41 1.35 -15.27
C TYR C 87 8.52 1.33 -14.22
N TYR C 88 8.15 0.98 -12.99
CA TYR C 88 9.07 0.94 -11.87
C TYR C 88 9.19 -0.47 -11.33
N CYS C 89 10.40 -0.84 -10.99
CA CYS C 89 10.75 -2.19 -10.57
C CYS C 89 11.22 -2.12 -9.13
N GLN C 90 10.48 -2.76 -8.23
CA GLN C 90 10.70 -2.64 -6.79
C GLN C 90 10.99 -3.99 -6.15
N GLN C 91 11.94 -3.99 -5.23
CA GLN C 91 12.20 -5.12 -4.35
C GLN C 91 11.81 -4.72 -2.94
N TYR C 92 11.16 -5.64 -2.22
CA TYR C 92 10.48 -5.29 -0.98
C TYR C 92 10.82 -6.25 0.15
N GLY C 93 12.08 -6.66 0.24
CA GLY C 93 12.46 -7.56 1.31
C GLY C 93 13.27 -6.89 2.40
N SER C 94 12.64 -6.68 3.54
CA SER C 94 13.30 -6.17 4.75
C SER C 94 13.68 -4.71 4.60
N SER C 95 13.54 -4.18 3.40
CA SER C 95 13.70 -2.77 3.09
C SER C 95 13.25 -2.54 1.67
N PRO C 96 12.51 -1.48 1.39
CA PRO C 96 12.11 -1.20 0.01
C PRO C 96 13.26 -0.57 -0.75
N LEU C 97 13.13 -0.62 -2.07
CA LEU C 97 14.07 0.05 -2.96
C LEU C 97 13.41 0.14 -4.32
N PHE C 98 13.34 1.35 -4.85
CA PHE C 98 12.65 1.59 -6.10
C PHE C 98 13.66 1.73 -7.22
N GLY C 99 13.42 1.04 -8.33
CA GLY C 99 14.28 1.16 -9.47
C GLY C 99 14.25 2.56 -10.05
N GLY C 100 15.24 2.84 -10.89
CA GLY C 100 15.39 4.18 -11.45
C GLY C 100 14.23 4.57 -12.36
N GLY C 101 13.41 3.63 -12.78
CA GLY C 101 12.34 3.98 -13.68
C GLY C 101 12.64 3.53 -15.10
N THR C 102 11.57 3.29 -15.86
CA THR C 102 11.72 2.85 -17.24
C THR C 102 10.49 3.30 -18.00
N LYS C 103 10.68 4.10 -19.04
CA LYS C 103 9.59 4.67 -19.81
C LYS C 103 9.42 3.90 -21.10
N VAL C 104 8.17 3.70 -21.51
CA VAL C 104 7.85 3.02 -22.77
C VAL C 104 7.21 4.04 -23.70
N GLU C 105 7.69 4.10 -24.93
CA GLU C 105 7.36 5.16 -25.86
C GLU C 105 6.82 4.60 -27.17
N ILE C 106 5.85 5.30 -27.75
CA ILE C 106 5.42 4.97 -29.11
C ILE C 106 6.45 5.47 -30.09
N LYS C 107 6.82 4.64 -31.05
CA LYS C 107 7.77 5.01 -32.08
C LYS C 107 7.07 5.11 -33.42
N ARG C 108 7.58 5.98 -34.28
CA ARG C 108 7.16 6.05 -35.67
C ARG C 108 8.29 6.69 -36.47
N THR C 109 7.98 7.06 -37.70
CA THR C 109 8.98 7.70 -38.56
C THR C 109 9.53 8.95 -37.89
N VAL C 110 10.86 9.07 -37.91
CA VAL C 110 11.50 10.23 -37.30
C VAL C 110 10.96 11.50 -37.95
N ALA C 111 10.84 12.56 -37.17
CA ALA C 111 10.19 13.77 -37.61
C ALA C 111 11.15 14.95 -37.55
N ALA C 112 11.07 15.81 -38.56
CA ALA C 112 11.88 17.02 -38.58
C ALA C 112 11.33 18.02 -37.58
N PRO C 113 12.11 18.48 -36.61
CA PRO C 113 11.62 19.49 -35.67
C PRO C 113 11.44 20.82 -36.36
N SER C 114 10.21 21.33 -36.33
CA SER C 114 9.96 22.68 -36.82
C SER C 114 10.55 23.65 -35.80
N VAL C 115 11.78 24.10 -36.03
CA VAL C 115 12.54 24.85 -35.04
C VAL C 115 12.36 26.34 -35.29
N PHE C 116 11.94 27.07 -34.25
CA PHE C 116 11.73 28.50 -34.33
C PHE C 116 12.44 29.16 -33.15
N ILE C 117 12.63 30.47 -33.27
CA ILE C 117 13.39 31.26 -32.30
C ILE C 117 12.55 32.46 -31.88
N PHE C 118 12.85 32.99 -30.69
CA PHE C 118 12.06 34.11 -30.20
C PHE C 118 12.90 35.08 -29.40
N PRO C 119 13.22 36.25 -29.94
CA PRO C 119 13.94 37.27 -29.17
C PRO C 119 13.03 37.86 -28.10
N PRO C 120 13.58 38.24 -26.96
CA PRO C 120 12.80 38.93 -25.93
C PRO C 120 12.10 40.16 -26.47
N SER C 121 10.98 40.49 -25.85
CA SER C 121 10.20 41.65 -26.25
C SER C 121 10.91 42.94 -25.86
N ASP C 122 10.38 44.05 -26.37
CA ASP C 122 10.91 45.36 -25.98
C ASP C 122 10.71 45.60 -24.49
N GLU C 123 9.54 45.24 -23.97
CA GLU C 123 9.28 45.36 -22.55
C GLU C 123 10.19 44.45 -21.73
N GLN C 124 10.64 43.35 -22.32
CA GLN C 124 11.59 42.48 -21.63
C GLN C 124 12.90 43.20 -21.35
N LEU C 125 13.46 43.88 -22.35
CA LEU C 125 14.78 44.49 -22.18
C LEU C 125 14.74 45.60 -21.14
N LYS C 126 13.76 46.50 -21.24
CA LYS C 126 13.62 47.56 -20.26
C LYS C 126 13.20 47.03 -18.89
N SER C 127 12.79 45.78 -18.80
CA SER C 127 12.53 45.15 -17.52
C SER C 127 13.82 44.79 -16.78
N GLY C 128 14.97 44.88 -17.43
CA GLY C 128 16.24 44.55 -16.83
C GLY C 128 16.65 43.10 -16.94
N THR C 129 15.79 42.24 -17.46
CA THR C 129 16.12 40.83 -17.64
C THR C 129 15.57 40.37 -18.99
N ALA C 130 16.36 39.57 -19.70
CA ALA C 130 15.98 39.10 -21.02
C ALA C 130 16.42 37.66 -21.22
N SER C 131 15.52 36.83 -21.73
CA SER C 131 15.82 35.45 -22.06
C SER C 131 15.34 35.15 -23.47
N VAL C 132 16.18 34.47 -24.25
CA VAL C 132 15.88 34.11 -25.63
C VAL C 132 15.40 32.67 -25.61
N VAL C 133 14.28 32.40 -26.29
CA VAL C 133 13.67 31.08 -26.28
C VAL C 133 13.66 30.53 -27.70
N CYS C 134 14.31 29.38 -27.89
CA CYS C 134 14.19 28.62 -29.12
C CYS C 134 13.23 27.46 -28.89
N LEU C 135 12.56 27.05 -29.96
CA LEU C 135 11.49 26.07 -29.88
C LEU C 135 11.72 24.97 -30.90
N LEU C 136 11.41 23.74 -30.53
CA LEU C 136 11.50 22.58 -31.41
C LEU C 136 10.12 21.93 -31.40
N ASN C 137 9.35 22.16 -32.46
CA ASN C 137 7.92 21.86 -32.44
C ASN C 137 7.65 20.51 -33.09
N ASN C 138 6.86 19.69 -32.41
CA ASN C 138 6.29 18.46 -32.96
C ASN C 138 7.31 17.61 -33.69
N PHE C 139 8.29 17.09 -32.96
CA PHE C 139 9.35 16.28 -33.53
C PHE C 139 9.39 14.90 -32.88
N TYR C 140 10.42 14.14 -33.23
CA TYR C 140 10.67 12.79 -32.73
C TYR C 140 12.12 12.47 -32.95
N PRO C 141 12.79 11.75 -32.03
CA PRO C 141 12.35 11.25 -30.73
C PRO C 141 12.68 12.19 -29.58
N ARG C 142 12.62 11.67 -28.35
CA ARG C 142 12.92 12.48 -27.19
C ARG C 142 14.37 12.98 -27.23
N GLU C 143 15.30 12.09 -27.56
CA GLU C 143 16.72 12.43 -27.56
C GLU C 143 17.02 13.36 -28.74
N ALA C 144 17.38 14.59 -28.42
CA ALA C 144 17.79 15.58 -29.42
C ALA C 144 18.54 16.68 -28.70
N LYS C 145 19.79 16.90 -29.09
CA LYS C 145 20.65 17.84 -28.40
C LYS C 145 20.65 19.19 -29.10
N VAL C 146 20.76 20.24 -28.31
CA VAL C 146 20.82 21.61 -28.81
C VAL C 146 21.96 22.35 -28.14
N GLN C 147 22.45 23.38 -28.82
CA GLN C 147 23.49 24.24 -28.27
C GLN C 147 23.19 25.67 -28.69
N TRP C 148 23.71 26.62 -27.92
CA TRP C 148 23.40 28.03 -28.10
C TRP C 148 24.66 28.79 -28.45
N LYS C 149 24.58 29.64 -29.47
CA LYS C 149 25.70 30.43 -29.95
C LYS C 149 25.30 31.90 -29.94
N VAL C 150 25.88 32.65 -29.00
CA VAL C 150 25.64 34.09 -28.89
C VAL C 150 26.74 34.79 -29.68
N ASP C 151 26.36 35.44 -30.78
CA ASP C 151 27.33 35.99 -31.73
C ASP C 151 28.29 34.90 -32.20
N ASN C 152 27.75 33.70 -32.41
CA ASN C 152 28.47 32.51 -32.84
C ASN C 152 29.34 31.97 -31.72
N ALA C 153 29.45 32.69 -30.62
CA ALA C 153 30.24 32.21 -29.49
C ALA C 153 29.46 31.13 -28.75
N LEU C 154 30.10 29.99 -28.51
CA LEU C 154 29.42 28.86 -27.89
C LEU C 154 29.10 29.18 -26.43
N GLN C 155 27.85 28.96 -26.04
CA GLN C 155 27.43 29.12 -24.66
C GLN C 155 27.48 27.78 -23.94
N SER C 156 27.33 27.84 -22.61
CA SER C 156 27.31 26.63 -21.81
C SER C 156 26.85 26.96 -20.40
N GLY C 157 25.96 26.14 -19.86
CA GLY C 157 25.58 26.26 -18.46
C GLY C 157 24.72 27.43 -18.10
N ASN C 158 24.02 28.03 -19.07
CA ASN C 158 23.13 29.15 -18.79
C ASN C 158 21.83 29.01 -19.56
N SER C 159 21.32 27.79 -19.65
CA SER C 159 20.12 27.52 -20.41
C SER C 159 19.25 26.51 -19.67
N GLN C 160 17.94 26.68 -19.78
CA GLN C 160 16.97 25.74 -19.23
C GLN C 160 16.02 25.32 -20.33
N GLU C 161 15.68 24.03 -20.36
CA GLU C 161 14.86 23.48 -21.42
C GLU C 161 13.89 22.48 -20.82
N SER C 162 12.80 22.24 -21.55
CA SER C 162 11.80 21.29 -21.10
C SER C 162 11.08 20.71 -22.32
N VAL C 163 10.79 19.42 -22.26
CA VAL C 163 10.17 18.70 -23.36
C VAL C 163 8.79 18.23 -22.91
N THR C 164 7.78 18.55 -23.69
CA THR C 164 6.43 18.10 -23.37
C THR C 164 6.35 16.58 -23.47
N GLU C 165 5.46 16.00 -22.67
CA GLU C 165 5.29 14.56 -22.72
C GLU C 165 4.63 14.15 -24.03
N GLN C 166 4.86 12.90 -24.42
CA GLN C 166 4.38 12.38 -25.69
C GLN C 166 2.90 12.67 -25.87
N ASP C 167 2.57 13.41 -26.93
CA ASP C 167 1.19 13.79 -27.14
C ASP C 167 0.34 12.57 -27.45
N SER C 168 -0.95 12.66 -27.10
CA SER C 168 -1.84 11.52 -27.23
C SER C 168 -2.02 11.11 -28.68
N LYS C 169 -2.36 12.05 -29.55
CA LYS C 169 -2.81 11.68 -30.89
C LYS C 169 -1.63 11.46 -31.84
N ASP C 170 -0.80 12.46 -32.03
CA ASP C 170 0.28 12.35 -33.01
C ASP C 170 1.56 11.78 -32.43
N SER C 171 1.63 11.58 -31.12
CA SER C 171 2.75 10.88 -30.48
C SER C 171 4.09 11.54 -30.81
N THR C 172 4.14 12.85 -30.69
CA THR C 172 5.37 13.57 -30.94
C THR C 172 5.88 14.24 -29.68
N TYR C 173 6.94 15.03 -29.84
CA TYR C 173 7.55 15.78 -28.75
C TYR C 173 7.75 17.21 -29.20
N SER C 174 7.77 18.11 -28.23
CA SER C 174 8.11 19.51 -28.47
C SER C 174 9.16 19.93 -27.45
N LEU C 175 10.09 20.76 -27.89
CA LEU C 175 11.20 21.18 -27.05
C LEU C 175 11.28 22.70 -27.07
N SER C 176 11.66 23.28 -25.93
CA SER C 176 11.85 24.71 -25.84
C SER C 176 12.91 24.99 -24.80
N SER C 177 13.95 25.73 -25.20
CA SER C 177 15.03 26.10 -24.31
C SER C 177 15.07 27.60 -24.16
N THR C 178 15.58 28.05 -23.02
CA THR C 178 15.72 29.47 -22.72
C THR C 178 17.17 29.76 -22.38
N LEU C 179 17.43 30.99 -21.95
CA LEU C 179 18.73 31.41 -21.48
C LEU C 179 18.59 32.12 -20.14
N THR C 180 19.41 31.72 -19.17
CA THR C 180 19.49 32.44 -17.90
C THR C 180 20.33 33.70 -18.08
N LEU C 181 19.86 34.56 -18.98
CA LEU C 181 20.62 35.70 -19.46
C LEU C 181 20.19 36.97 -18.75
N SER C 182 21.15 37.81 -18.40
CA SER C 182 20.88 39.15 -17.92
C SER C 182 20.80 40.12 -19.08
N LYS C 183 20.00 41.18 -18.90
CA LYS C 183 19.86 42.17 -19.96
C LYS C 183 21.19 42.83 -20.28
N ALA C 184 22.00 43.11 -19.24
CA ALA C 184 23.28 43.77 -19.46
C ALA C 184 24.14 43.01 -20.44
N ASP C 185 24.03 41.70 -20.47
CA ASP C 185 24.74 40.88 -21.46
C ASP C 185 23.99 40.76 -22.77
N TYR C 186 22.73 41.18 -22.82
CA TYR C 186 21.95 41.06 -24.04
C TYR C 186 22.43 42.06 -25.09
N GLU C 187 22.63 43.32 -24.69
CA GLU C 187 23.04 44.34 -25.64
C GLU C 187 24.50 44.20 -26.08
N LYS C 188 25.34 43.58 -25.26
CA LYS C 188 26.75 43.50 -25.60
C LYS C 188 27.04 42.50 -26.72
N HIS C 189 25.99 41.96 -27.35
CA HIS C 189 26.14 41.10 -28.52
C HIS C 189 25.11 41.52 -29.56
N LYS C 190 25.26 40.96 -30.76
CA LYS C 190 24.50 41.43 -31.93
C LYS C 190 23.55 40.37 -32.50
N VAL C 191 24.00 39.14 -32.66
CA VAL C 191 23.23 38.11 -33.34
C VAL C 191 23.18 36.86 -32.45
N TYR C 192 22.00 36.28 -32.31
CA TYR C 192 21.79 35.17 -31.40
C TYR C 192 21.33 33.94 -32.17
N ALA C 193 21.98 32.81 -31.91
CA ALA C 193 21.74 31.59 -32.68
C ALA C 193 21.56 30.40 -31.76
N CYS C 194 20.83 29.40 -32.24
CA CYS C 194 20.66 28.14 -31.55
C CYS C 194 20.50 27.03 -32.59
N GLU C 195 21.17 25.91 -32.36
CA GLU C 195 21.20 24.82 -33.31
C GLU C 195 20.81 23.51 -32.64
N VAL C 196 20.37 22.56 -33.47
CA VAL C 196 20.02 21.22 -33.00
C VAL C 196 20.72 20.20 -33.89
N THR C 197 21.33 19.20 -33.27
CA THR C 197 21.88 18.04 -33.98
C THR C 197 20.91 16.89 -33.73
N HIS C 198 20.17 16.51 -34.78
CA HIS C 198 19.01 15.67 -34.59
C HIS C 198 18.97 14.57 -35.65
N GLN C 199 18.30 13.47 -35.29
CA GLN C 199 18.11 12.37 -36.24
C GLN C 199 17.24 12.82 -37.42
N GLY C 200 16.21 13.60 -37.16
CA GLY C 200 15.29 14.02 -38.21
C GLY C 200 15.87 14.98 -39.22
N LEU C 201 17.09 15.45 -38.99
CA LEU C 201 17.74 16.39 -39.90
C LEU C 201 19.09 15.82 -40.33
N SER C 202 19.38 15.95 -41.63
CA SER C 202 20.68 15.51 -42.13
C SER C 202 21.81 16.31 -41.51
N SER C 203 21.63 17.63 -41.40
CA SER C 203 22.63 18.55 -40.89
C SER C 203 22.11 19.23 -39.64
N PRO C 204 23.00 19.76 -38.80
CA PRO C 204 22.56 20.58 -37.67
C PRO C 204 22.08 21.94 -38.15
N VAL C 205 20.77 22.14 -38.13
CA VAL C 205 20.19 23.39 -38.60
C VAL C 205 20.27 24.42 -37.49
N THR C 206 20.48 25.67 -37.88
CA THR C 206 20.52 26.79 -36.96
C THR C 206 19.57 27.87 -37.45
N LYS C 207 18.79 28.42 -36.53
CA LYS C 207 17.91 29.55 -36.81
C LYS C 207 18.35 30.69 -35.90
N SER C 208 18.60 31.85 -36.48
CA SER C 208 19.16 32.97 -35.74
C SER C 208 18.51 34.28 -36.20
N PHE C 209 18.99 35.38 -35.66
CA PHE C 209 18.45 36.71 -35.95
C PHE C 209 19.53 37.72 -35.57
N ASN C 210 19.17 39.00 -35.66
CA ASN C 210 20.07 40.09 -35.32
C ASN C 210 19.34 41.07 -34.42
N ARG C 211 20.08 41.65 -33.47
CA ARG C 211 19.50 42.70 -32.65
C ARG C 211 19.20 43.92 -33.52
N GLY C 212 18.11 44.61 -33.19
CA GLY C 212 17.57 45.64 -34.03
C GLY C 212 16.52 45.17 -35.00
N GLU C 213 16.35 43.86 -35.17
CA GLU C 213 15.30 43.28 -35.98
C GLU C 213 15.23 41.77 -35.78
#